data_5NJG
#
_entry.id   5NJG
#
_cell.length_a   1.000
_cell.length_b   1.000
_cell.length_c   1.000
_cell.angle_alpha   90.00
_cell.angle_beta   90.00
_cell.angle_gamma   90.00
#
_symmetry.space_group_name_H-M   'P 1'
#
loop_
_entity.id
_entity.type
_entity.pdbx_description
1 polymer 'ATP-binding cassette sub-family G member 2'
2 polymer '5D3-Fab heavy chain'
3 polymer '5D3-Fab light chain'
4 branched 2-acetamido-2-deoxy-beta-D-glucopyranose-(1-4)-2-acetamido-2-deoxy-beta-D-glucopyranose
#
loop_
_entity_poly.entity_id
_entity_poly.type
_entity_poly.pdbx_seq_one_letter_code
_entity_poly.pdbx_strand_id
1 'polypeptide(L)'
;DYKDDDDKGSSSSNVEVFIPVSQGNTNGFPATASNDLKAFTEGAVLSFHNICYRVKLKSGFLPCRKPVEKEILSNINGIM
KPGLNAILGPTGGGKSSLLDVLAARKDPSGLSGDVLINGAPRPANFKCNSGYVVQDDVVMGTLTVRENLQFSAALRLATT
MTNHEKNERINRVIQELGLDKVADSKVGTQFIRGVSGGERKRTSIGMELITDPSILFLDEPTTGLDSSTANAVLLLLKRM
SKQGRTIIFSIHQPRYSIFKLFDSLTLLASGRLMFHGPAQEALGYFESAGYHCEAYNNPADFFLDIINGDSTAVALNREE
DFKATEIIEPSKQDKPLIEKLAEIYVNSSFYKETKAELHQLSGGEKKKKITVFKEISYTTSFCHQLRWVSKRSFKNLLGN
PQASIAQIIVTVVLGLVIGAIYFGLKNDSTGIQNRAGVLFFLTTNQCFSSVSAVELFVVEKKLFIHEYISGYYRVSSYFL
GKLLSDLLPMRMLPSIIFTCIVYFMLGLKPKADAFFVMMFTLMMVAYSASSMALAIAAGQSVVSVATLLMTICFVFMMIF
SGLLVNLTTIASWLSWLQYFSIPRYGFTALQHNEFLGQNFCPGLNATGNNPCNYATCTGEEYLVKQGIDLSPWGLWKNHV
ALACMIVIFLTIAYLKLLFLKKYS
;
A,B
2 'polypeptide(L)'
;QVQLQESGPGLVKPSQSLSLTCTVTGFSITSDYAWNWIRQFPGKKLEWMGYINFDGGTTYNPSLRGRISITRDTSKNQFF
LQLRSVTPEDTATYYCATFYGAKGTLDYWGQGTSVTVSSAKTTPPSVYPLAPVCGDTSGSSVTLGCLVKGYFPEPVTLTW
NSGSLSSGVHTFPAVLQSDLYTLSSSVTVTSSTWPSQSITCNVAHPASSTKVDKKIEPRGP
;
C,E
3 'polypeptide(L)'
;DIVLTQSPSSFSVSLGDRVTISCKASGYILNRLAWYQQKPGNAPRLLISGATSLETGFPSRFSGTGSGKDYTLSISSLQT
EDVGTYYCQQYWSTPWTFGGGTKLEIRRADAAPTVSIFPPSSEQLTSGGASVVCFLNNFYPKDINVKWKIDGSERQNGVL
NSWTDQDSKDSTYSMSSTLTLTKDEYERHNSYTCEATHKTSTSPIVKSFNRNEC
;
D,F
#
loop_
_chem_comp.id
_chem_comp.type
_chem_comp.name
_chem_comp.formula
NAG D-saccharide, beta linking 2-acetamido-2-deoxy-beta-D-glucopyranose 'C8 H15 N O6'
#
# COMPACT_ATOMS: atom_id res chain seq x y z
N THR A 379 42.11 -31.30 -29.34
CA THR A 379 41.17 -31.76 -28.31
C THR A 379 39.79 -32.03 -28.89
N THR A 380 38.86 -32.42 -28.02
CA THR A 380 37.47 -32.61 -28.43
C THR A 380 36.85 -31.27 -28.79
N SER A 381 35.87 -31.33 -29.71
CA SER A 381 35.32 -30.10 -30.29
C SER A 381 34.56 -29.26 -29.29
N PHE A 382 33.39 -29.71 -28.86
CA PHE A 382 32.56 -28.85 -28.03
C PHE A 382 31.93 -29.55 -26.84
N CYS A 383 31.43 -30.77 -27.04
CA CYS A 383 30.51 -31.34 -26.08
C CYS A 383 31.21 -32.10 -24.97
N HIS A 384 32.24 -32.87 -25.31
CA HIS A 384 32.93 -33.69 -24.33
C HIS A 384 33.68 -32.85 -23.32
N GLN A 385 34.18 -31.69 -23.73
CA GLN A 385 34.89 -30.84 -22.79
C GLN A 385 33.95 -30.11 -21.84
N LEU A 386 32.77 -29.68 -22.28
CA LEU A 386 31.86 -29.05 -21.33
C LEU A 386 31.19 -30.07 -20.43
N ARG A 387 30.96 -31.28 -20.94
CA ARG A 387 30.51 -32.36 -20.07
C ARG A 387 31.57 -32.71 -19.04
N TRP A 388 32.84 -32.61 -19.41
CA TRP A 388 33.90 -33.05 -18.51
C TRP A 388 34.25 -31.99 -17.48
N VAL A 389 34.31 -30.72 -17.90
CA VAL A 389 34.55 -29.63 -16.95
C VAL A 389 33.32 -29.41 -16.08
N SER A 390 32.13 -29.52 -16.68
CA SER A 390 30.89 -29.45 -15.91
C SER A 390 30.79 -30.61 -14.94
N LYS A 391 31.37 -31.76 -15.28
CA LYS A 391 31.49 -32.84 -14.33
C LYS A 391 32.43 -32.46 -13.19
N ARG A 392 33.53 -31.75 -13.50
CA ARG A 392 34.47 -31.36 -12.46
C ARG A 392 33.86 -30.39 -11.46
N SER A 393 33.34 -29.27 -11.95
CA SER A 393 32.80 -28.28 -11.04
C SER A 393 31.47 -28.72 -10.45
N PHE A 394 30.74 -29.59 -11.15
CA PHE A 394 29.52 -30.12 -10.58
C PHE A 394 29.82 -31.04 -9.40
N LYS A 395 30.83 -31.90 -9.54
CA LYS A 395 31.30 -32.69 -8.41
C LYS A 395 31.90 -31.80 -7.34
N ASN A 396 32.51 -30.68 -7.73
CA ASN A 396 33.05 -29.75 -6.76
C ASN A 396 31.94 -29.10 -5.94
N LEU A 397 30.78 -28.89 -6.55
CA LEU A 397 29.64 -28.38 -5.79
C LEU A 397 29.04 -29.48 -4.92
N LEU A 398 28.95 -30.70 -5.45
CA LEU A 398 28.58 -31.84 -4.60
C LEU A 398 29.63 -32.10 -3.54
N GLY A 399 30.90 -31.85 -3.86
CA GLY A 399 31.95 -32.01 -2.88
C GLY A 399 31.97 -30.97 -1.79
N ASN A 400 31.30 -29.84 -1.98
CA ASN A 400 31.31 -28.79 -0.97
C ASN A 400 29.91 -28.62 -0.40
N PRO A 401 29.60 -29.19 0.75
CA PRO A 401 28.28 -28.98 1.36
C PRO A 401 28.09 -27.62 2.02
N GLN A 402 29.15 -26.82 2.14
CA GLN A 402 29.07 -25.58 2.90
C GLN A 402 28.24 -24.53 2.17
N ALA A 403 28.69 -24.12 0.98
CA ALA A 403 28.00 -23.08 0.24
C ALA A 403 26.66 -23.56 -0.30
N SER A 404 26.54 -24.85 -0.59
CA SER A 404 25.27 -25.39 -1.03
C SER A 404 24.28 -25.44 0.12
N ILE A 405 24.58 -26.27 1.13
CA ILE A 405 23.60 -26.60 2.15
C ILE A 405 23.36 -25.44 3.10
N ALA A 406 24.31 -24.52 3.21
CA ALA A 406 24.06 -23.29 3.98
C ALA A 406 22.98 -22.45 3.33
N GLN A 407 23.08 -22.25 2.02
CA GLN A 407 22.05 -21.52 1.30
C GLN A 407 20.73 -22.29 1.28
N ILE A 408 20.79 -23.62 1.24
CA ILE A 408 19.57 -24.42 1.24
C ILE A 408 18.83 -24.30 2.58
N ILE A 409 19.56 -24.35 3.70
CA ILE A 409 18.87 -24.25 4.98
C ILE A 409 18.41 -22.81 5.22
N VAL A 410 19.12 -21.81 4.67
CA VAL A 410 18.65 -20.43 4.80
C VAL A 410 17.36 -20.23 4.02
N THR A 411 17.29 -20.73 2.78
CA THR A 411 16.06 -20.53 2.02
C THR A 411 14.93 -21.41 2.53
N VAL A 412 15.23 -22.53 3.21
CA VAL A 412 14.16 -23.33 3.78
C VAL A 412 13.58 -22.64 5.00
N VAL A 413 14.44 -22.24 5.95
CA VAL A 413 13.90 -21.67 7.19
C VAL A 413 13.34 -20.28 6.92
N LEU A 414 13.89 -19.58 5.93
CA LEU A 414 13.33 -18.29 5.55
C LEU A 414 12.00 -18.47 4.85
N GLY A 415 11.89 -19.53 4.03
CA GLY A 415 10.60 -19.87 3.48
C GLY A 415 9.58 -20.24 4.53
N LEU A 416 10.04 -20.86 5.63
CA LEU A 416 9.11 -21.19 6.70
C LEU A 416 8.66 -19.96 7.45
N VAL A 417 9.58 -19.01 7.68
CA VAL A 417 9.22 -17.82 8.45
C VAL A 417 8.27 -16.94 7.65
N ILE A 418 8.52 -16.78 6.35
CA ILE A 418 7.55 -16.09 5.50
C ILE A 418 6.25 -16.88 5.42
N GLY A 419 6.31 -18.20 5.55
CA GLY A 419 5.10 -18.96 5.66
C GLY A 419 4.35 -18.71 6.95
N ALA A 420 5.07 -18.38 8.02
CA ALA A 420 4.41 -18.24 9.30
C ALA A 420 3.80 -16.87 9.46
N ILE A 421 4.54 -15.83 9.05
CA ILE A 421 4.11 -14.45 9.23
C ILE A 421 2.89 -14.15 8.39
N TYR A 422 2.91 -14.56 7.14
CA TYR A 422 1.83 -14.25 6.24
C TYR A 422 0.77 -15.32 6.17
N PHE A 423 0.72 -16.23 7.14
CA PHE A 423 -0.05 -17.47 7.02
C PHE A 423 -1.53 -17.22 6.83
N GLY A 424 -2.07 -17.80 5.76
CA GLY A 424 -3.47 -17.66 5.47
C GLY A 424 -3.84 -16.26 5.10
N LEU A 425 -3.43 -15.82 3.91
CA LEU A 425 -3.69 -14.45 3.48
C LEU A 425 -5.18 -14.22 3.31
N LYS A 426 -5.71 -13.31 4.11
CA LYS A 426 -7.11 -13.00 4.07
C LYS A 426 -7.40 -12.10 2.89
N ASN A 427 -8.66 -12.09 2.48
CA ASN A 427 -9.16 -11.17 1.47
C ASN A 427 -9.90 -10.00 2.08
N ASP A 428 -9.43 -9.49 3.21
CA ASP A 428 -9.99 -8.29 3.80
C ASP A 428 -9.43 -7.07 3.11
N SER A 429 -9.64 -5.89 3.72
CA SER A 429 -8.98 -4.67 3.28
C SER A 429 -7.46 -4.79 3.36
N THR A 430 -6.98 -5.53 4.35
CA THR A 430 -5.57 -5.75 4.55
C THR A 430 -4.99 -6.85 3.69
N GLY A 431 -5.71 -7.31 2.67
CA GLY A 431 -5.18 -8.36 1.84
C GLY A 431 -4.11 -7.85 0.90
N ILE A 432 -4.37 -6.71 0.25
CA ILE A 432 -3.58 -6.24 -0.88
C ILE A 432 -2.16 -5.97 -0.48
N GLN A 433 -1.96 -5.05 0.46
CA GLN A 433 -0.64 -4.75 0.98
C GLN A 433 0.01 -5.88 1.71
N ASN A 434 -0.70 -6.97 1.95
CA ASN A 434 -0.05 -8.13 2.51
C ASN A 434 0.38 -9.06 1.40
N ARG A 435 -0.46 -9.28 0.39
CA ARG A 435 -0.09 -10.11 -0.76
C ARG A 435 1.00 -9.44 -1.56
N ALA A 436 0.85 -8.16 -1.85
CA ALA A 436 1.92 -7.40 -2.48
C ALA A 436 3.11 -7.17 -1.57
N GLY A 437 3.02 -7.54 -0.31
CA GLY A 437 4.19 -7.45 0.51
C GLY A 437 5.09 -8.59 0.18
N VAL A 438 4.56 -9.83 0.31
CA VAL A 438 5.40 -11.03 0.28
C VAL A 438 6.04 -11.21 -1.08
N LEU A 439 5.30 -10.87 -2.16
CA LEU A 439 5.86 -10.91 -3.50
C LEU A 439 7.04 -9.98 -3.62
N PHE A 440 6.90 -8.75 -3.11
CA PHE A 440 8.02 -7.83 -3.12
C PHE A 440 9.18 -8.33 -2.29
N PHE A 441 8.92 -9.17 -1.31
CA PHE A 441 10.03 -9.75 -0.59
C PHE A 441 10.76 -10.74 -1.49
N LEU A 442 10.01 -11.69 -2.05
CA LEU A 442 10.59 -12.89 -2.65
C LEU A 442 11.46 -12.55 -3.83
N THR A 443 10.92 -11.73 -4.76
CA THR A 443 11.67 -11.22 -5.90
C THR A 443 12.94 -10.55 -5.46
N THR A 444 12.81 -9.60 -4.52
CA THR A 444 13.96 -8.86 -4.07
C THR A 444 14.91 -9.75 -3.32
N ASN A 445 14.35 -10.76 -2.63
CA ASN A 445 15.18 -11.76 -1.98
C ASN A 445 16.07 -12.45 -2.98
N GLN A 446 15.45 -12.92 -4.09
CA GLN A 446 16.19 -13.59 -5.15
C GLN A 446 17.28 -12.69 -5.71
N CYS A 447 17.01 -11.39 -5.78
CA CYS A 447 17.98 -10.46 -6.33
C CYS A 447 19.22 -10.42 -5.46
N PHE A 448 19.03 -10.26 -4.16
CA PHE A 448 20.26 -10.25 -3.38
C PHE A 448 20.73 -11.66 -3.09
N SER A 449 19.88 -12.67 -3.32
CA SER A 449 20.41 -14.02 -3.25
C SER A 449 21.26 -14.35 -4.46
N SER A 450 21.31 -13.46 -5.44
CA SER A 450 22.26 -13.58 -6.54
C SER A 450 23.61 -12.97 -6.22
N VAL A 451 23.75 -12.24 -5.11
CA VAL A 451 25.02 -11.56 -4.85
C VAL A 451 26.12 -12.57 -4.55
N SER A 452 25.76 -13.74 -4.00
CA SER A 452 26.72 -14.83 -3.83
C SER A 452 27.27 -15.32 -5.17
N ALA A 453 26.48 -15.19 -6.25
CA ALA A 453 26.92 -15.56 -7.57
C ALA A 453 27.98 -14.63 -8.13
N VAL A 454 28.28 -13.52 -7.45
CA VAL A 454 29.46 -12.74 -7.78
C VAL A 454 30.72 -13.58 -7.55
N GLU A 455 30.68 -14.45 -6.54
CA GLU A 455 31.84 -15.20 -6.10
C GLU A 455 32.37 -16.19 -7.13
N LEU A 456 31.51 -16.76 -7.99
CA LEU A 456 31.86 -18.00 -8.68
C LEU A 456 32.86 -17.78 -9.81
N PHE A 457 32.93 -16.58 -10.40
CA PHE A 457 33.96 -16.33 -11.40
C PHE A 457 35.17 -15.58 -10.87
N VAL A 458 35.15 -15.15 -9.62
CA VAL A 458 36.25 -14.34 -9.13
C VAL A 458 37.22 -15.18 -8.30
N VAL A 459 36.71 -16.21 -7.63
CA VAL A 459 37.57 -17.08 -6.83
C VAL A 459 38.50 -17.90 -7.72
N GLU A 460 37.95 -18.54 -8.75
CA GLU A 460 38.73 -19.39 -9.62
C GLU A 460 39.41 -18.62 -10.76
N LYS A 461 39.61 -17.31 -10.59
CA LYS A 461 40.12 -16.47 -11.67
C LYS A 461 41.55 -16.83 -12.02
N LYS A 462 42.39 -17.08 -11.00
CA LYS A 462 43.76 -17.51 -11.27
C LYS A 462 43.80 -18.89 -11.90
N LEU A 463 42.92 -19.78 -11.44
CA LEU A 463 42.79 -21.07 -12.11
C LEU A 463 42.19 -20.92 -13.49
N PHE A 464 41.36 -19.90 -13.71
CA PHE A 464 40.83 -19.68 -15.06
C PHE A 464 41.92 -19.23 -16.01
N ILE A 465 42.73 -18.26 -15.60
CA ILE A 465 43.74 -17.75 -16.52
C ILE A 465 44.87 -18.76 -16.68
N HIS A 466 45.20 -19.53 -15.64
CA HIS A 466 46.22 -20.56 -15.76
C HIS A 466 45.72 -21.70 -16.64
N GLU A 467 44.45 -22.04 -16.49
CA GLU A 467 43.90 -23.08 -17.34
C GLU A 467 43.58 -22.60 -18.75
N TYR A 468 43.62 -21.30 -19.01
CA TYR A 468 43.43 -20.88 -20.39
C TYR A 468 44.75 -20.68 -21.10
N ILE A 469 45.79 -20.22 -20.37
CA ILE A 469 47.09 -20.07 -21.02
C ILE A 469 47.68 -21.43 -21.36
N SER A 470 47.28 -22.48 -20.64
CA SER A 470 47.69 -23.82 -21.02
C SER A 470 46.78 -24.37 -22.10
N GLY A 471 45.54 -23.89 -22.18
CA GLY A 471 44.66 -24.31 -23.25
C GLY A 471 43.91 -25.59 -23.01
N TYR A 472 43.30 -25.75 -21.84
CA TYR A 472 42.57 -26.98 -21.54
C TYR A 472 41.26 -27.05 -22.31
N TYR A 473 40.71 -25.91 -22.71
CA TYR A 473 39.33 -25.84 -23.15
C TYR A 473 39.13 -24.73 -24.17
N ARG A 474 37.92 -24.68 -24.72
CA ARG A 474 37.47 -23.48 -25.40
C ARG A 474 36.69 -22.62 -24.42
N VAL A 475 36.65 -21.31 -24.69
CA VAL A 475 36.09 -20.37 -23.72
C VAL A 475 34.59 -20.50 -23.64
N SER A 476 33.93 -20.70 -24.79
CA SER A 476 32.49 -20.94 -24.77
C SER A 476 32.16 -22.26 -24.11
N SER A 477 33.06 -23.24 -24.26
CA SER A 477 32.89 -24.50 -23.56
C SER A 477 33.09 -24.35 -22.07
N TYR A 478 34.04 -23.49 -21.66
CA TYR A 478 34.25 -23.21 -20.24
C TYR A 478 33.05 -22.50 -19.65
N PHE A 479 32.59 -21.45 -20.31
CA PHE A 479 31.56 -20.60 -19.74
C PHE A 479 30.23 -21.31 -19.71
N LEU A 480 29.88 -21.95 -20.83
CA LEU A 480 28.64 -22.72 -20.84
C LEU A 480 28.75 -23.95 -19.95
N GLY A 481 29.97 -24.43 -19.70
CA GLY A 481 30.13 -25.55 -18.79
C GLY A 481 29.97 -25.15 -17.33
N LYS A 482 30.62 -24.06 -16.92
CA LYS A 482 30.56 -23.61 -15.54
C LYS A 482 29.18 -23.08 -15.21
N LEU A 483 28.48 -22.53 -16.20
CA LEU A 483 27.12 -22.10 -16.01
C LEU A 483 26.19 -23.29 -15.78
N LEU A 484 26.48 -24.42 -16.43
CA LEU A 484 25.75 -25.65 -16.14
C LEU A 484 26.07 -26.18 -14.76
N SER A 485 27.26 -25.89 -14.25
CA SER A 485 27.73 -26.54 -13.03
C SER A 485 27.09 -25.91 -11.80
N ASP A 486 27.32 -24.62 -11.60
CA ASP A 486 26.83 -23.95 -10.40
C ASP A 486 25.50 -23.27 -10.61
N LEU A 487 25.42 -22.36 -11.60
CA LEU A 487 24.29 -21.46 -11.71
C LEU A 487 22.99 -22.18 -12.01
N LEU A 488 22.99 -23.07 -13.00
CA LEU A 488 21.75 -23.71 -13.40
C LEU A 488 21.08 -24.62 -12.36
N PRO A 489 21.79 -25.45 -11.55
CA PRO A 489 21.05 -26.15 -10.50
C PRO A 489 20.83 -25.33 -9.24
N MET A 490 21.80 -24.52 -8.83
CA MET A 490 21.70 -23.84 -7.54
C MET A 490 20.71 -22.68 -7.61
N ARG A 491 20.51 -22.11 -8.80
CA ARG A 491 19.44 -21.14 -8.88
C ARG A 491 18.07 -21.80 -9.04
N MET A 492 18.01 -23.10 -9.31
CA MET A 492 16.71 -23.76 -9.35
C MET A 492 16.18 -24.07 -7.97
N LEU A 493 17.05 -24.26 -6.98
CA LEU A 493 16.58 -24.82 -5.72
C LEU A 493 15.81 -23.83 -4.86
N PRO A 494 16.27 -22.60 -4.58
CA PRO A 494 15.44 -21.71 -3.75
C PRO A 494 14.19 -21.24 -4.44
N SER A 495 14.15 -21.27 -5.76
CA SER A 495 12.90 -20.98 -6.46
C SER A 495 11.85 -22.05 -6.19
N ILE A 496 12.21 -23.31 -6.40
CA ILE A 496 11.22 -24.37 -6.24
C ILE A 496 10.92 -24.62 -4.76
N ILE A 497 11.90 -24.41 -3.87
CA ILE A 497 11.68 -24.56 -2.44
C ILE A 497 10.77 -23.47 -1.91
N PHE A 498 11.07 -22.21 -2.28
CA PHE A 498 10.22 -21.08 -1.93
C PHE A 498 8.80 -21.28 -2.41
N THR A 499 8.60 -21.62 -3.67
CA THR A 499 7.24 -21.78 -4.18
C THR A 499 6.52 -22.92 -3.51
N CYS A 500 7.21 -24.03 -3.26
CA CYS A 500 6.49 -25.18 -2.73
C CYS A 500 6.17 -25.03 -1.26
N ILE A 501 7.00 -24.34 -0.47
CA ILE A 501 6.68 -24.25 0.95
C ILE A 501 5.97 -22.96 1.34
N VAL A 502 6.09 -21.89 0.55
CA VAL A 502 5.31 -20.71 0.89
C VAL A 502 4.04 -20.62 0.08
N TYR A 503 3.91 -21.40 -1.00
CA TYR A 503 2.74 -21.21 -1.85
C TYR A 503 1.47 -21.72 -1.20
N PHE A 504 1.60 -22.67 -0.28
CA PHE A 504 0.40 -23.23 0.33
C PHE A 504 0.21 -22.83 1.78
N MET A 505 1.26 -22.38 2.46
CA MET A 505 1.07 -21.75 3.76
C MET A 505 0.33 -20.44 3.60
N LEU A 506 0.83 -19.58 2.70
CA LEU A 506 0.22 -18.30 2.39
C LEU A 506 -1.18 -18.45 1.85
N GLY A 507 -1.44 -19.47 1.05
CA GLY A 507 -2.75 -19.58 0.45
C GLY A 507 -2.87 -18.62 -0.70
N LEU A 508 -1.97 -18.73 -1.67
CA LEU A 508 -2.11 -18.02 -2.93
C LEU A 508 -3.05 -18.84 -3.82
N LYS A 509 -3.07 -18.55 -5.12
CA LYS A 509 -4.12 -19.07 -5.99
C LYS A 509 -4.06 -20.60 -6.12
N PRO A 510 -5.17 -21.30 -5.93
CA PRO A 510 -5.10 -22.77 -5.89
C PRO A 510 -4.87 -23.41 -7.25
N LYS A 511 -4.84 -22.65 -8.33
CA LYS A 511 -4.61 -23.21 -9.66
C LYS A 511 -3.19 -23.72 -9.78
N ALA A 512 -3.01 -24.77 -10.59
CA ALA A 512 -1.70 -25.41 -10.69
C ALA A 512 -0.78 -24.64 -11.63
N ASP A 513 -1.35 -24.06 -12.68
CA ASP A 513 -0.54 -23.31 -13.62
C ASP A 513 -0.02 -22.01 -13.01
N ALA A 514 -0.80 -21.40 -12.11
CA ALA A 514 -0.33 -20.19 -11.44
C ALA A 514 0.84 -20.51 -10.53
N PHE A 515 0.78 -21.66 -9.85
CA PHE A 515 1.94 -22.18 -9.15
C PHE A 515 3.11 -22.41 -10.07
N PHE A 516 2.85 -22.82 -11.30
CA PHE A 516 3.95 -23.01 -12.25
C PHE A 516 4.52 -21.68 -12.71
N VAL A 517 3.68 -20.66 -12.88
CA VAL A 517 4.17 -19.36 -13.33
C VAL A 517 4.99 -18.71 -12.24
N MET A 518 4.58 -18.86 -10.98
CA MET A 518 5.38 -18.37 -9.87
C MET A 518 6.70 -19.12 -9.78
N MET A 519 6.65 -20.44 -9.97
CA MET A 519 7.84 -21.29 -9.96
C MET A 519 8.85 -20.83 -10.99
N PHE A 520 8.41 -20.74 -12.24
CA PHE A 520 9.27 -20.36 -13.34
C PHE A 520 9.68 -18.90 -13.25
N THR A 521 8.85 -18.06 -12.64
CA THR A 521 9.15 -16.63 -12.54
C THR A 521 10.28 -16.38 -11.58
N LEU A 522 10.20 -17.01 -10.40
CA LEU A 522 11.32 -16.94 -9.46
C LEU A 522 12.57 -17.58 -10.03
N MET A 523 12.42 -18.62 -10.87
CA MET A 523 13.58 -19.14 -11.59
C MET A 523 14.22 -18.07 -12.45
N MET A 524 13.42 -17.42 -13.32
CA MET A 524 13.98 -16.49 -14.30
C MET A 524 14.58 -15.27 -13.63
N VAL A 525 13.93 -14.75 -12.59
CA VAL A 525 14.46 -13.56 -11.93
C VAL A 525 15.71 -13.92 -11.14
N ALA A 526 15.81 -15.16 -10.69
CA ALA A 526 17.05 -15.60 -10.06
C ALA A 526 18.18 -15.68 -11.08
N TYR A 527 17.90 -16.25 -12.26
CA TYR A 527 18.95 -16.34 -13.28
C TYR A 527 19.32 -14.98 -13.84
N SER A 528 18.39 -14.03 -13.83
CA SER A 528 18.68 -12.77 -14.46
C SER A 528 19.44 -11.85 -13.53
N ALA A 529 19.04 -11.82 -12.26
CA ALA A 529 19.83 -11.08 -11.28
C ALA A 529 21.20 -11.70 -11.13
N SER A 530 21.27 -13.03 -11.20
CA SER A 530 22.57 -13.70 -11.18
C SER A 530 23.34 -13.43 -12.46
N SER A 531 22.65 -13.24 -13.57
CA SER A 531 23.31 -12.91 -14.82
C SER A 531 23.91 -11.52 -14.76
N MET A 532 23.22 -10.59 -14.11
CA MET A 532 23.78 -9.26 -13.93
C MET A 532 24.95 -9.31 -12.96
N ALA A 533 24.87 -10.19 -11.97
CA ALA A 533 25.97 -10.37 -11.04
C ALA A 533 27.19 -10.93 -11.76
N LEU A 534 26.98 -11.80 -12.74
CA LEU A 534 28.09 -12.27 -13.54
C LEU A 534 28.61 -11.20 -14.48
N ALA A 535 27.69 -10.40 -15.05
CA ALA A 535 28.08 -9.42 -16.04
C ALA A 535 28.91 -8.32 -15.42
N ILE A 536 28.59 -7.96 -14.19
CA ILE A 536 29.42 -6.99 -13.49
C ILE A 536 30.63 -7.68 -12.88
N ALA A 537 30.49 -8.93 -12.47
CA ALA A 537 31.50 -9.55 -11.64
C ALA A 537 32.69 -10.06 -12.45
N ALA A 538 32.44 -10.56 -13.65
CA ALA A 538 33.44 -11.33 -14.38
C ALA A 538 34.61 -10.47 -14.83
N GLY A 539 35.81 -10.93 -14.54
CA GLY A 539 37.01 -10.23 -14.94
C GLY A 539 37.65 -9.37 -13.88
N GLN A 540 37.22 -9.49 -12.63
CA GLN A 540 37.81 -8.71 -11.56
C GLN A 540 38.47 -9.63 -10.55
N SER A 541 39.37 -9.07 -9.76
CA SER A 541 40.06 -9.86 -8.76
C SER A 541 39.47 -9.69 -7.37
N VAL A 542 38.81 -8.57 -7.11
CA VAL A 542 38.29 -8.25 -5.79
C VAL A 542 36.79 -8.48 -5.78
N VAL A 543 36.32 -9.25 -4.81
CA VAL A 543 34.89 -9.50 -4.73
C VAL A 543 34.16 -8.29 -4.17
N SER A 544 34.81 -7.52 -3.29
CA SER A 544 34.10 -6.59 -2.43
C SER A 544 33.60 -5.36 -3.18
N VAL A 545 34.40 -4.81 -4.10
CA VAL A 545 33.99 -3.61 -4.82
C VAL A 545 32.86 -3.92 -5.77
N ALA A 546 32.92 -5.08 -6.43
CA ALA A 546 31.80 -5.53 -7.24
C ALA A 546 30.60 -5.87 -6.38
N THR A 547 30.82 -6.28 -5.14
CA THR A 547 29.71 -6.59 -4.26
C THR A 547 28.97 -5.34 -3.85
N LEU A 548 29.71 -4.30 -3.47
CA LEU A 548 29.10 -3.01 -3.15
C LEU A 548 28.43 -2.41 -4.38
N LEU A 549 29.04 -2.59 -5.55
CA LEU A 549 28.47 -2.02 -6.76
C LEU A 549 27.19 -2.74 -7.14
N MET A 550 27.15 -4.06 -6.93
CA MET A 550 25.92 -4.79 -7.18
C MET A 550 24.86 -4.47 -6.17
N THR A 551 25.25 -4.21 -4.93
CA THR A 551 24.25 -3.86 -3.93
C THR A 551 23.62 -2.51 -4.22
N ILE A 552 24.44 -1.56 -4.69
CA ILE A 552 23.93 -0.25 -5.06
C ILE A 552 23.02 -0.34 -6.28
N CYS A 553 23.37 -1.16 -7.27
CA CYS A 553 22.44 -1.22 -8.39
C CYS A 553 21.19 -2.03 -8.04
N PHE A 554 21.26 -2.92 -7.07
CA PHE A 554 20.02 -3.60 -6.69
C PHE A 554 19.11 -2.73 -5.84
N VAL A 555 19.65 -1.82 -5.04
CA VAL A 555 18.72 -0.90 -4.39
C VAL A 555 18.14 0.07 -5.40
N PHE A 556 18.95 0.58 -6.34
CA PHE A 556 18.35 1.46 -7.32
C PHE A 556 17.42 0.75 -8.28
N MET A 557 17.46 -0.57 -8.35
CA MET A 557 16.38 -1.28 -9.01
C MET A 557 15.25 -1.63 -8.06
N MET A 558 15.50 -1.64 -6.75
CA MET A 558 14.46 -1.94 -5.78
C MET A 558 13.41 -0.85 -5.76
N ILE A 559 13.84 0.41 -5.88
CA ILE A 559 12.95 1.54 -5.76
C ILE A 559 11.98 1.56 -6.92
N PHE A 560 12.44 1.13 -8.09
CA PHE A 560 11.62 1.12 -9.28
C PHE A 560 10.81 -0.15 -9.44
N SER A 561 10.65 -0.95 -8.40
CA SER A 561 9.60 -1.95 -8.43
C SER A 561 8.26 -1.26 -8.19
N GLY A 562 7.20 -2.03 -8.29
CA GLY A 562 5.89 -1.42 -8.20
C GLY A 562 5.53 -0.94 -6.81
N LEU A 563 6.17 -1.47 -5.78
CA LEU A 563 5.66 -1.27 -4.44
C LEU A 563 5.97 0.12 -3.93
N LEU A 564 7.19 0.57 -4.15
CA LEU A 564 7.78 1.58 -3.31
C LEU A 564 7.74 2.97 -3.93
N VAL A 565 7.25 3.14 -5.17
CA VAL A 565 7.14 4.47 -5.78
C VAL A 565 5.87 4.80 -6.53
N ASN A 566 5.07 3.79 -6.89
CA ASN A 566 4.03 3.91 -7.90
C ASN A 566 4.61 4.43 -9.21
N LEU A 567 5.26 3.53 -9.96
CA LEU A 567 5.89 3.80 -11.25
C LEU A 567 5.12 4.63 -12.27
N THR A 568 3.79 4.71 -12.15
CA THR A 568 3.03 5.56 -13.06
C THR A 568 3.34 7.04 -12.86
N THR A 569 3.39 7.48 -11.61
CA THR A 569 3.56 8.91 -11.36
C THR A 569 5.00 9.30 -11.14
N ILE A 570 5.95 8.69 -11.84
CA ILE A 570 7.25 9.32 -11.96
C ILE A 570 7.17 10.32 -13.09
N ALA A 571 7.87 11.44 -12.94
CA ALA A 571 7.98 12.39 -14.03
C ALA A 571 8.72 11.76 -15.20
N SER A 572 8.32 12.15 -16.40
CA SER A 572 8.64 11.41 -17.61
C SER A 572 10.12 11.43 -17.97
N TRP A 573 10.90 12.35 -17.44
CA TRP A 573 12.29 12.40 -17.87
C TRP A 573 13.16 11.38 -17.16
N LEU A 574 12.66 10.68 -16.17
CA LEU A 574 13.42 9.57 -15.60
C LEU A 574 12.51 8.38 -15.30
N SER A 575 11.25 8.44 -15.69
CA SER A 575 10.41 7.26 -15.70
C SER A 575 10.78 6.27 -16.78
N TRP A 576 11.65 6.65 -17.71
CA TRP A 576 12.09 5.73 -18.74
C TRP A 576 12.95 4.61 -18.21
N LEU A 577 13.55 4.77 -17.02
CA LEU A 577 14.57 3.83 -16.58
C LEU A 577 14.02 2.76 -15.66
N GLN A 578 12.70 2.73 -15.46
CA GLN A 578 11.94 1.57 -14.98
C GLN A 578 12.40 0.29 -15.63
N TYR A 579 12.60 0.36 -16.93
CA TYR A 579 12.92 -0.80 -17.74
C TYR A 579 14.29 -1.36 -17.44
N PHE A 580 15.16 -0.61 -16.78
CA PHE A 580 16.42 -1.23 -16.42
C PHE A 580 16.33 -2.03 -15.15
N SER A 581 15.17 -2.13 -14.54
CA SER A 581 15.05 -2.76 -13.23
C SER A 581 14.56 -4.19 -13.36
N ILE A 582 15.34 -5.12 -12.82
CA ILE A 582 14.97 -6.53 -12.83
C ILE A 582 13.83 -6.90 -11.87
N PRO A 583 13.68 -6.35 -10.64
CA PRO A 583 12.54 -6.78 -9.85
C PRO A 583 11.23 -6.19 -10.29
N ARG A 584 11.22 -5.25 -11.23
CA ARG A 584 9.95 -4.87 -11.81
C ARG A 584 9.44 -5.99 -12.69
N TYR A 585 10.34 -6.69 -13.35
CA TYR A 585 9.97 -7.82 -14.19
C TYR A 585 9.52 -8.98 -13.33
N GLY A 586 10.32 -9.31 -12.31
CA GLY A 586 9.93 -10.38 -11.41
C GLY A 586 8.66 -10.07 -10.64
N PHE A 587 8.64 -8.93 -9.94
CA PHE A 587 7.52 -8.55 -9.12
C PHE A 587 6.28 -8.29 -9.93
N THR A 588 6.44 -7.82 -11.16
CA THR A 588 5.31 -7.54 -12.01
C THR A 588 4.68 -8.83 -12.49
N ALA A 589 5.51 -9.84 -12.77
CA ALA A 589 4.94 -11.13 -13.14
C ALA A 589 4.28 -11.81 -11.96
N LEU A 590 4.96 -11.80 -10.81
CA LEU A 590 4.43 -12.48 -9.63
C LEU A 590 3.19 -11.81 -9.09
N GLN A 591 3.00 -10.55 -9.37
CA GLN A 591 1.71 -10.02 -8.99
C GLN A 591 0.80 -9.88 -10.18
N HIS A 592 1.24 -10.33 -11.35
CA HIS A 592 0.29 -10.44 -12.44
C HIS A 592 -0.48 -11.74 -12.35
N ASN A 593 0.21 -12.84 -12.03
CA ASN A 593 -0.48 -14.12 -12.04
C ASN A 593 -1.25 -14.39 -10.77
N GLU A 594 -1.15 -13.51 -9.79
CA GLU A 594 -1.63 -13.81 -8.46
C GLU A 594 -2.67 -12.82 -7.96
N PHE A 595 -2.68 -11.61 -8.47
CA PHE A 595 -3.77 -10.70 -8.18
C PHE A 595 -4.95 -10.86 -9.11
N LEU A 596 -4.75 -11.46 -10.28
CA LEU A 596 -5.57 -11.13 -11.44
C LEU A 596 -7.00 -11.62 -11.29
N GLY A 597 -7.21 -12.70 -10.56
CA GLY A 597 -8.57 -13.14 -10.38
C GLY A 597 -9.21 -12.67 -9.10
N GLN A 598 -8.42 -12.00 -8.26
CA GLN A 598 -8.78 -11.88 -6.85
C GLN A 598 -9.82 -10.81 -6.62
N ASN A 599 -10.09 -10.57 -5.34
CA ASN A 599 -11.08 -9.62 -4.88
C ASN A 599 -10.83 -9.38 -3.40
N PHE A 600 -10.98 -8.14 -2.95
CA PHE A 600 -10.33 -7.68 -1.74
C PHE A 600 -11.19 -6.80 -0.84
N CYS A 601 -12.45 -6.66 -1.15
CA CYS A 601 -13.31 -5.97 -0.22
C CYS A 601 -14.52 -6.85 0.08
N PRO A 602 -14.63 -7.34 1.30
CA PRO A 602 -15.68 -8.28 1.64
C PRO A 602 -17.07 -7.67 1.61
N GLY A 603 -17.96 -8.27 0.86
CA GLY A 603 -19.26 -7.72 0.68
C GLY A 603 -19.37 -6.74 -0.45
N LEU A 604 -18.27 -6.36 -1.07
CA LEU A 604 -18.31 -5.43 -2.17
C LEU A 604 -17.88 -6.17 -3.41
N ASN A 605 -18.82 -6.40 -4.32
CA ASN A 605 -18.52 -7.09 -5.57
C ASN A 605 -17.57 -6.29 -6.44
N ALA A 606 -17.84 -4.98 -6.58
CA ALA A 606 -16.93 -3.99 -7.18
C ALA A 606 -16.64 -4.28 -8.64
N THR A 607 -17.60 -4.80 -9.37
CA THR A 607 -17.55 -4.82 -10.83
C THR A 607 -18.53 -3.74 -11.32
N GLY A 608 -17.98 -2.67 -11.88
CA GLY A 608 -18.76 -1.47 -12.09
C GLY A 608 -19.00 -0.83 -10.76
N ASN A 609 -17.93 -0.54 -10.03
CA ASN A 609 -18.08 -0.04 -8.67
C ASN A 609 -18.50 1.43 -8.67
N ASN A 610 -19.46 1.72 -7.80
CA ASN A 610 -20.24 2.92 -7.61
C ASN A 610 -20.12 3.24 -6.12
N PRO A 611 -20.80 4.31 -5.55
CA PRO A 611 -20.07 5.36 -4.81
C PRO A 611 -18.90 5.05 -3.87
N CYS A 612 -18.41 3.82 -3.76
CA CYS A 612 -16.96 3.76 -3.71
C CYS A 612 -16.33 3.78 -5.09
N ASN A 613 -15.79 4.94 -5.41
CA ASN A 613 -14.57 5.13 -6.15
C ASN A 613 -13.43 5.05 -5.14
N TYR A 614 -12.19 5.23 -5.61
CA TYR A 614 -10.95 5.21 -4.82
C TYR A 614 -10.76 3.96 -3.98
N ALA A 615 -11.43 2.87 -4.29
CA ALA A 615 -11.61 1.84 -3.27
C ALA A 615 -10.52 0.79 -3.33
N THR A 616 -10.02 0.47 -4.53
CA THR A 616 -9.11 -0.65 -4.81
C THR A 616 -9.68 -1.95 -4.26
N CYS A 617 -10.79 -2.36 -4.84
CA CYS A 617 -11.49 -3.56 -4.41
C CYS A 617 -11.53 -4.64 -5.49
N THR A 618 -10.46 -4.76 -6.29
CA THR A 618 -10.23 -5.95 -7.07
C THR A 618 -8.75 -6.22 -7.02
N GLY A 619 -8.31 -7.17 -7.84
CA GLY A 619 -6.91 -7.27 -8.12
C GLY A 619 -6.57 -6.55 -9.40
N GLU A 620 -7.56 -6.38 -10.26
CA GLU A 620 -7.39 -5.57 -11.46
C GLU A 620 -7.07 -4.13 -11.11
N GLU A 621 -7.85 -3.51 -10.22
CA GLU A 621 -7.68 -2.11 -9.90
C GLU A 621 -6.35 -1.85 -9.22
N TYR A 622 -5.86 -2.81 -8.44
CA TYR A 622 -4.53 -2.69 -7.93
C TYR A 622 -3.49 -2.85 -9.04
N LEU A 623 -3.76 -3.68 -10.04
CA LEU A 623 -2.76 -3.82 -11.08
C LEU A 623 -2.69 -2.59 -11.99
N VAL A 624 -3.84 -2.11 -12.45
CA VAL A 624 -3.86 -0.97 -13.35
C VAL A 624 -3.42 0.28 -12.61
N LYS A 625 -3.89 0.44 -11.38
CA LYS A 625 -3.43 1.53 -10.52
C LYS A 625 -1.95 1.43 -10.23
N GLN A 626 -1.42 0.23 -10.28
CA GLN A 626 0.01 0.05 -10.21
C GLN A 626 0.67 0.25 -11.57
N GLY A 627 -0.08 0.13 -12.65
CA GLY A 627 0.47 0.34 -13.98
C GLY A 627 1.01 -0.88 -14.68
N ILE A 628 0.24 -1.95 -14.74
CA ILE A 628 0.68 -3.24 -15.25
C ILE A 628 -0.32 -3.71 -16.28
N ASP A 629 0.19 -4.18 -17.42
CA ASP A 629 -0.66 -4.58 -18.54
C ASP A 629 -1.48 -5.81 -18.15
N LEU A 630 -2.77 -5.58 -17.96
CA LEU A 630 -3.72 -6.61 -17.55
C LEU A 630 -3.96 -7.66 -18.63
N SER A 631 -3.59 -7.39 -19.88
CA SER A 631 -3.68 -8.38 -20.94
C SER A 631 -2.71 -9.52 -20.69
N PRO A 632 -3.02 -10.73 -21.15
CA PRO A 632 -2.12 -11.86 -20.90
C PRO A 632 -0.75 -11.75 -21.53
N TRP A 633 -0.56 -10.91 -22.55
CA TRP A 633 0.80 -10.71 -23.02
C TRP A 633 1.63 -9.96 -22.00
N GLY A 634 0.99 -9.09 -21.22
CA GLY A 634 1.70 -8.29 -20.23
C GLY A 634 2.28 -9.12 -19.11
N LEU A 635 1.79 -10.34 -18.94
CA LEU A 635 2.45 -11.25 -18.03
C LEU A 635 3.74 -11.77 -18.62
N TRP A 636 3.73 -12.18 -19.89
CA TRP A 636 4.84 -12.93 -20.45
C TRP A 636 5.92 -12.04 -21.05
N LYS A 637 5.61 -10.79 -21.37
CA LYS A 637 6.64 -9.84 -21.80
C LYS A 637 7.60 -9.54 -20.69
N ASN A 638 7.17 -9.74 -19.44
CA ASN A 638 8.09 -9.72 -18.33
C ASN A 638 9.10 -10.83 -18.50
N HIS A 639 8.67 -12.00 -18.95
CA HIS A 639 9.60 -13.11 -19.10
C HIS A 639 10.50 -12.96 -20.33
N VAL A 640 9.98 -12.36 -21.39
CA VAL A 640 10.82 -12.09 -22.55
C VAL A 640 11.85 -11.05 -22.22
N ALA A 641 11.46 -10.05 -21.42
CA ALA A 641 12.41 -9.06 -20.95
C ALA A 641 13.43 -9.69 -20.02
N LEU A 642 12.99 -10.66 -19.22
CA LEU A 642 13.88 -11.43 -18.38
C LEU A 642 14.92 -12.17 -19.21
N ALA A 643 14.47 -13.06 -20.10
CA ALA A 643 15.36 -13.90 -20.90
C ALA A 643 16.26 -13.05 -21.80
N CYS A 644 15.76 -11.91 -22.27
CA CYS A 644 16.58 -10.96 -22.99
C CYS A 644 17.68 -10.40 -22.11
N MET A 645 17.36 -10.13 -20.84
CA MET A 645 18.40 -9.67 -19.92
C MET A 645 19.38 -10.78 -19.57
N ILE A 646 18.91 -12.04 -19.54
CA ILE A 646 19.82 -13.16 -19.34
C ILE A 646 20.83 -13.25 -20.48
N VAL A 647 20.33 -13.21 -21.72
CA VAL A 647 21.21 -13.38 -22.87
C VAL A 647 22.16 -12.21 -23.03
N ILE A 648 21.69 -11.00 -22.78
CA ILE A 648 22.57 -9.83 -22.91
C ILE A 648 23.61 -9.82 -21.81
N PHE A 649 23.20 -10.09 -20.56
CA PHE A 649 24.14 -10.06 -19.46
C PHE A 649 25.19 -11.16 -19.56
N LEU A 650 24.77 -12.36 -19.93
CA LEU A 650 25.74 -13.43 -20.13
C LEU A 650 26.62 -13.19 -21.34
N THR A 651 26.10 -12.48 -22.35
CA THR A 651 26.92 -12.10 -23.49
C THR A 651 27.98 -11.10 -23.07
N ILE A 652 27.64 -10.18 -22.17
CA ILE A 652 28.61 -9.23 -21.66
C ILE A 652 29.69 -9.94 -20.86
N ALA A 653 29.31 -10.91 -20.03
CA ALA A 653 30.31 -11.68 -19.31
C ALA A 653 31.16 -12.53 -20.25
N TYR A 654 30.54 -13.03 -21.31
CA TYR A 654 31.24 -13.83 -22.31
C TYR A 654 32.29 -13.01 -23.03
N LEU A 655 31.92 -11.80 -23.46
CA LEU A 655 32.84 -10.89 -24.11
C LEU A 655 33.94 -10.42 -23.16
N LYS A 656 33.61 -10.29 -21.87
CA LYS A 656 34.66 -10.00 -20.90
C LYS A 656 35.63 -11.15 -20.78
N LEU A 657 35.17 -12.38 -20.93
CA LEU A 657 36.09 -13.51 -20.84
C LEU A 657 36.95 -13.62 -22.10
N LEU A 658 36.36 -13.40 -23.28
CA LEU A 658 37.15 -13.42 -24.50
C LEU A 658 38.13 -12.26 -24.57
N PHE A 659 37.81 -11.14 -23.93
CA PHE A 659 38.71 -10.00 -23.99
C PHE A 659 39.73 -9.98 -22.87
N LEU A 660 39.48 -10.68 -21.77
CA LEU A 660 40.44 -10.75 -20.68
C LEU A 660 41.15 -12.09 -20.60
N LYS A 661 40.87 -13.02 -21.51
CA LYS A 661 41.43 -14.37 -21.42
C LYS A 661 42.93 -14.37 -21.69
N LYS A 662 43.40 -13.45 -22.54
CA LYS A 662 44.81 -13.37 -22.85
C LYS A 662 45.52 -12.32 -22.02
N TYR A 663 44.76 -11.45 -21.35
CA TYR A 663 45.33 -10.47 -20.42
C TYR A 663 46.02 -11.19 -19.27
N SER A 664 45.27 -12.04 -18.56
CA SER A 664 45.76 -13.05 -17.63
C SER A 664 46.52 -12.47 -16.45
N THR B 379 46.87 8.05 36.60
CA THR B 379 46.45 8.87 35.46
C THR B 379 45.30 9.79 35.83
N THR B 380 44.82 10.55 34.84
CA THR B 380 43.66 11.39 35.05
C THR B 380 42.41 10.54 35.26
N SER B 381 41.45 11.09 36.01
CA SER B 381 40.30 10.32 36.44
C SER B 381 39.39 9.90 35.30
N PHE B 382 38.66 10.86 34.73
CA PHE B 382 37.66 10.46 33.74
C PHE B 382 37.64 11.34 32.50
N CYS B 383 37.77 12.66 32.67
CA CYS B 383 37.40 13.57 31.60
C CYS B 383 38.54 13.84 30.64
N HIS B 384 39.74 14.04 31.18
CA HIS B 384 40.89 14.40 30.35
C HIS B 384 41.29 13.25 29.43
N GLN B 385 41.09 12.02 29.87
CA GLN B 385 41.44 10.89 29.01
C GLN B 385 40.43 10.67 27.89
N LEU B 386 39.14 10.89 28.13
CA LEU B 386 38.20 10.73 27.02
C LEU B 386 38.24 11.92 26.08
N ARG B 387 38.55 13.12 26.59
CA ARG B 387 38.82 14.24 25.73
C ARG B 387 40.07 14.00 24.88
N TRP B 388 41.06 13.31 25.43
CA TRP B 388 42.32 13.15 24.73
C TRP B 388 42.27 12.02 23.72
N VAL B 389 41.65 10.89 24.09
CA VAL B 389 41.48 9.79 23.15
C VAL B 389 40.45 10.16 22.08
N SER B 390 39.37 10.85 22.49
CA SER B 390 38.39 11.36 21.54
C SER B 390 39.01 12.39 20.62
N LYS B 391 40.00 13.13 21.10
CA LYS B 391 40.79 13.98 20.22
C LYS B 391 41.59 13.16 19.23
N ARG B 392 42.14 12.01 19.68
CA ARG B 392 42.93 11.18 18.77
C ARG B 392 42.09 10.60 17.65
N SER B 393 41.03 9.87 18.01
CA SER B 393 40.22 9.23 16.97
C SER B 393 39.38 10.24 16.21
N PHE B 394 39.07 11.39 16.82
CA PHE B 394 38.35 12.43 16.10
C PHE B 394 39.23 13.03 15.02
N LYS B 395 40.50 13.30 15.36
CA LYS B 395 41.47 13.73 14.35
C LYS B 395 41.72 12.62 13.34
N ASN B 396 41.65 11.37 13.77
CA ASN B 396 41.82 10.25 12.85
C ASN B 396 40.67 10.20 11.84
N LEU B 397 39.48 10.59 12.26
CA LEU B 397 38.37 10.67 11.31
C LEU B 397 38.52 11.88 10.41
N LEU B 398 38.94 13.02 10.97
CA LEU B 398 39.30 14.16 10.12
C LEU B 398 40.50 13.84 9.25
N GLY B 399 41.42 13.02 9.75
CA GLY B 399 42.56 12.63 8.95
C GLY B 399 42.24 11.67 7.83
N ASN B 400 41.09 11.01 7.86
CA ASN B 400 40.74 10.04 6.82
C ASN B 400 39.54 10.55 6.05
N PRO B 401 39.73 11.16 4.88
CA PRO B 401 38.60 11.59 4.07
C PRO B 401 37.88 10.47 3.34
N GLN B 402 38.42 9.25 3.35
CA GLN B 402 37.86 8.17 2.53
C GLN B 402 36.53 7.69 3.07
N ALA B 403 36.54 7.15 4.30
CA ALA B 403 35.32 6.60 4.87
C ALA B 403 34.32 7.69 5.23
N SER B 404 34.80 8.88 5.55
CA SER B 404 33.90 9.99 5.81
C SER B 404 33.24 10.46 4.53
N ILE B 405 34.04 11.01 3.61
CA ILE B 405 33.52 11.74 2.48
C ILE B 405 32.90 10.81 1.45
N ALA B 406 33.30 9.53 1.44
CA ALA B 406 32.62 8.55 0.60
C ALA B 406 31.18 8.36 1.03
N GLN B 407 30.97 8.17 2.34
CA GLN B 407 29.61 8.08 2.86
C GLN B 407 28.85 9.37 2.70
N ILE B 408 29.53 10.51 2.81
CA ILE B 408 28.86 11.80 2.65
C ILE B 408 28.37 12.01 1.23
N ILE B 409 29.20 11.66 0.24
CA ILE B 409 28.75 11.85 -1.15
C ILE B 409 27.70 10.81 -1.53
N VAL B 410 27.74 9.62 -0.91
CA VAL B 410 26.69 8.64 -1.16
C VAL B 410 25.37 9.11 -0.59
N THR B 411 25.35 9.62 0.63
CA THR B 411 24.08 10.07 1.18
C THR B 411 23.61 11.37 0.56
N VAL B 412 24.51 12.17 -0.03
CA VAL B 412 24.06 13.37 -0.73
C VAL B 412 23.42 13.00 -2.06
N VAL B 413 24.12 12.20 -2.87
CA VAL B 413 23.56 11.92 -4.20
C VAL B 413 22.37 10.99 -4.07
N LEU B 414 22.36 10.14 -3.05
CA LEU B 414 21.19 9.30 -2.82
C LEU B 414 20.03 10.13 -2.32
N GLY B 415 20.31 11.13 -1.49
CA GLY B 415 19.28 12.07 -1.12
C GLY B 415 18.74 12.85 -2.30
N LEU B 416 19.60 13.13 -3.29
CA LEU B 416 19.14 13.84 -4.47
C LEU B 416 18.27 12.94 -5.34
N VAL B 417 18.63 11.66 -5.46
CA VAL B 417 17.87 10.76 -6.32
C VAL B 417 16.49 10.48 -5.72
N ILE B 418 16.44 10.28 -4.41
CA ILE B 418 15.14 10.17 -3.73
C ILE B 418 14.38 11.49 -3.82
N GLY B 419 15.10 12.60 -3.90
CA GLY B 419 14.43 13.85 -4.15
C GLY B 419 13.88 13.95 -5.55
N ALA B 420 14.49 13.28 -6.51
CA ALA B 420 14.05 13.43 -7.89
C ALA B 420 12.89 12.51 -8.20
N ILE B 421 12.97 11.27 -7.73
CA ILE B 421 11.97 10.25 -8.03
C ILE B 421 10.63 10.62 -7.40
N TYR B 422 10.65 11.02 -6.15
CA TYR B 422 9.43 11.29 -5.43
C TYR B 422 9.03 12.74 -5.48
N PHE B 423 9.57 13.53 -6.41
CA PHE B 423 9.49 14.99 -6.35
C PHE B 423 8.06 15.49 -6.40
N GLY B 424 7.71 16.30 -5.40
CA GLY B 424 6.39 16.86 -5.33
C GLY B 424 5.33 15.83 -5.08
N LEU B 425 5.29 15.29 -3.86
CA LEU B 425 4.35 14.24 -3.55
C LEU B 425 2.92 14.75 -3.61
N LYS B 426 2.15 14.19 -4.53
CA LYS B 426 0.78 14.59 -4.71
C LYS B 426 -0.08 13.98 -3.62
N ASN B 427 -1.23 14.59 -3.42
CA ASN B 427 -2.26 14.07 -2.53
C ASN B 427 -3.37 13.38 -3.30
N ASP B 428 -3.04 12.67 -4.37
CA ASP B 428 -4.01 11.87 -5.09
C ASP B 428 -4.22 10.55 -4.38
N SER B 429 -4.87 9.61 -5.06
CA SER B 429 -4.97 8.23 -4.59
C SER B 429 -3.59 7.60 -4.43
N THR B 430 -2.66 7.97 -5.29
CA THR B 430 -1.31 7.49 -5.28
C THR B 430 -0.41 8.20 -4.28
N GLY B 431 -0.97 8.98 -3.37
CA GLY B 431 -0.14 9.68 -2.41
C GLY B 431 0.40 8.75 -1.34
N ILE B 432 -0.47 7.90 -0.80
CA ILE B 432 -0.20 7.15 0.42
C ILE B 432 0.96 6.22 0.23
N GLN B 433 0.84 5.28 -0.71
CA GLN B 433 1.91 4.35 -1.03
C GLN B 433 3.12 5.02 -1.60
N ASN B 434 3.08 6.30 -1.91
CA ASN B 434 4.28 6.98 -2.30
C ASN B 434 4.94 7.63 -1.10
N ARG B 435 4.15 8.26 -0.22
CA ARG B 435 4.70 8.84 1.00
C ARG B 435 5.19 7.76 1.94
N ALA B 436 4.39 6.72 2.13
CA ALA B 436 4.85 5.57 2.89
C ALA B 436 5.91 4.76 2.16
N GLY B 437 6.21 5.09 0.92
CA GLY B 437 7.30 4.40 0.29
C GLY B 437 8.58 4.99 0.80
N VAL B 438 8.73 6.31 0.65
CA VAL B 438 10.03 6.96 0.85
C VAL B 438 10.46 6.87 2.31
N LEU B 439 9.51 6.96 3.24
CA LEU B 439 9.79 6.78 4.66
C LEU B 439 10.34 5.40 4.91
N PHE B 440 9.72 4.37 4.33
CA PHE B 440 10.23 3.02 4.47
C PHE B 440 11.59 2.87 3.85
N PHE B 441 11.93 3.70 2.88
CA PHE B 441 13.28 3.64 2.37
C PHE B 441 14.24 4.19 3.41
N LEU B 442 13.98 5.41 3.89
CA LEU B 442 14.96 6.19 4.62
C LEU B 442 15.36 5.51 5.91
N THR B 443 14.37 5.09 6.70
CA THR B 443 14.58 4.32 7.93
C THR B 443 15.42 3.10 7.66
N THR B 444 15.00 2.32 6.67
CA THR B 444 15.70 1.09 6.37
C THR B 444 17.06 1.39 5.80
N ASN B 445 17.17 2.51 5.09
CA ASN B 445 18.47 2.96 4.61
C ASN B 445 19.42 3.18 5.77
N GLN B 446 18.95 3.92 6.80
CA GLN B 446 19.73 4.19 7.99
C GLN B 446 20.16 2.91 8.66
N CYS B 447 19.28 1.90 8.64
CA CYS B 447 19.59 0.64 9.28
C CYS B 447 20.77 -0.03 8.61
N PHE B 448 20.74 -0.13 7.28
CA PHE B 448 21.90 -0.76 6.71
C PHE B 448 23.04 0.24 6.57
N SER B 449 22.77 1.53 6.69
CA SER B 449 23.87 2.48 6.77
C SER B 449 24.59 2.39 8.11
N SER B 450 24.05 1.62 9.06
CA SER B 450 24.75 1.31 10.28
C SER B 450 25.66 0.11 10.15
N VAL B 451 25.61 -0.64 9.03
CA VAL B 451 26.41 -1.85 8.94
C VAL B 451 27.90 -1.51 8.86
N SER B 452 28.24 -0.34 8.32
CA SER B 452 29.62 0.14 8.35
C SER B 452 30.11 0.37 9.77
N ALA B 453 29.20 0.66 10.70
CA ALA B 453 29.57 0.83 12.10
C ALA B 453 29.94 -0.48 12.78
N VAL B 454 29.77 -1.62 12.10
CA VAL B 454 30.37 -2.86 12.58
C VAL B 454 31.88 -2.74 12.57
N GLU B 455 32.43 -1.99 11.61
CA GLU B 455 33.87 -1.92 11.38
C GLU B 455 34.64 -1.27 12.53
N LEU B 456 34.04 -0.33 13.26
CA LEU B 456 34.83 0.60 14.05
C LEU B 456 35.41 -0.02 15.32
N PHE B 457 34.80 -1.08 15.85
CA PHE B 457 35.41 -1.76 16.98
C PHE B 457 36.17 -3.02 16.61
N VAL B 458 36.14 -3.43 15.35
CA VAL B 458 36.77 -4.70 15.00
C VAL B 458 38.14 -4.46 14.38
N VAL B 459 38.31 -3.33 13.69
CA VAL B 459 39.60 -3.02 13.06
C VAL B 459 40.65 -2.71 14.12
N GLU B 460 40.32 -1.85 15.07
CA GLU B 460 41.27 -1.46 16.10
C GLU B 460 41.32 -2.42 17.28
N LYS B 461 40.87 -3.66 17.10
CA LYS B 461 40.74 -4.59 18.21
C LYS B 461 42.10 -4.97 18.78
N LYS B 462 43.10 -5.19 17.92
CA LYS B 462 44.45 -5.48 18.40
C LYS B 462 45.04 -4.26 19.10
N LEU B 463 44.79 -3.07 18.56
CA LEU B 463 45.20 -1.85 19.24
C LEU B 463 44.39 -1.64 20.52
N PHE B 464 43.15 -2.13 20.56
CA PHE B 464 42.39 -2.02 21.79
C PHE B 464 42.96 -2.90 22.89
N ILE B 465 43.26 -4.16 22.56
CA ILE B 465 43.75 -5.06 23.60
C ILE B 465 45.18 -4.71 23.98
N HIS B 466 45.98 -4.23 23.03
CA HIS B 466 47.35 -3.82 23.37
C HIS B 466 47.33 -2.56 24.19
N GLU B 467 46.43 -1.64 23.87
CA GLU B 467 46.31 -0.44 24.67
C GLU B 467 45.60 -0.65 25.99
N TYR B 468 44.96 -1.80 26.20
CA TYR B 468 44.37 -2.02 27.52
C TYR B 468 45.32 -2.82 28.40
N ILE B 469 46.09 -3.75 27.83
CA ILE B 469 47.05 -4.48 28.67
C ILE B 469 48.16 -3.56 29.15
N SER B 470 48.43 -2.48 28.41
CA SER B 470 49.37 -1.49 28.91
C SER B 470 48.68 -0.52 29.87
N GLY B 471 47.37 -0.34 29.73
CA GLY B 471 46.65 0.47 30.67
C GLY B 471 46.67 1.95 30.38
N TYR B 472 46.38 2.34 29.14
CA TYR B 472 46.39 3.76 28.78
C TYR B 472 45.18 4.48 29.35
N TYR B 473 44.11 3.77 29.61
CA TYR B 473 42.81 4.39 29.82
C TYR B 473 41.94 3.56 30.75
N ARG B 474 40.79 4.11 31.10
CA ARG B 474 39.72 3.30 31.66
C ARG B 474 38.78 2.89 30.54
N VAL B 475 38.06 1.77 30.73
CA VAL B 475 37.29 1.18 29.66
C VAL B 475 36.06 2.02 29.35
N SER B 476 35.42 2.56 30.40
CA SER B 476 34.29 3.46 30.17
C SER B 476 34.75 4.76 29.52
N SER B 477 35.96 5.19 29.85
CA SER B 477 36.54 6.35 29.19
C SER B 477 36.87 6.05 27.73
N TYR B 478 37.35 4.84 27.45
CA TYR B 478 37.60 4.43 26.07
C TYR B 478 36.33 4.38 25.26
N PHE B 479 35.33 3.70 25.79
CA PHE B 479 34.11 3.43 25.04
C PHE B 479 33.31 4.69 24.85
N LEU B 480 33.15 5.47 25.92
CA LEU B 480 32.44 6.74 25.77
C LEU B 480 33.27 7.73 24.96
N GLY B 481 34.59 7.55 24.92
CA GLY B 481 35.41 8.42 24.10
C GLY B 481 35.31 8.10 22.62
N LYS B 482 35.41 6.81 22.28
CA LYS B 482 35.35 6.39 20.88
C LYS B 482 33.95 6.58 20.31
N LEU B 483 32.93 6.48 21.16
CA LEU B 483 31.58 6.75 20.74
C LEU B 483 31.39 8.24 20.43
N LEU B 484 32.09 9.11 21.16
CA LEU B 484 32.09 10.53 20.82
C LEU B 484 32.84 10.79 19.52
N SER B 485 33.81 9.94 19.20
CA SER B 485 34.70 10.24 18.09
C SER B 485 34.04 9.95 16.76
N ASP B 486 33.65 8.71 16.53
CA ASP B 486 33.09 8.31 15.24
C ASP B 486 31.58 8.36 15.22
N LEU B 487 30.92 7.65 16.14
CA LEU B 487 29.49 7.40 16.03
C LEU B 487 28.67 8.68 16.18
N LEU B 488 28.96 9.48 17.19
CA LEU B 488 28.13 10.66 17.42
C LEU B 488 28.16 11.74 16.33
N PRO B 489 29.29 12.09 15.67
CA PRO B 489 29.15 13.03 14.55
C PRO B 489 28.75 12.37 13.24
N MET B 490 29.27 11.18 12.95
CA MET B 490 29.05 10.59 11.63
C MET B 490 27.64 10.05 11.50
N ARG B 491 27.00 9.69 12.61
CA ARG B 491 25.59 9.37 12.49
C ARG B 491 24.72 10.61 12.47
N MET B 492 25.26 11.78 12.78
CA MET B 492 24.44 13.00 12.65
C MET B 492 24.35 13.47 11.22
N LEU B 493 25.34 13.18 10.39
CA LEU B 493 25.40 13.85 9.09
C LEU B 493 24.38 13.33 8.08
N PRO B 494 24.23 12.02 7.82
CA PRO B 494 23.22 11.61 6.84
C PRO B 494 21.81 11.83 7.31
N SER B 495 21.58 11.92 8.61
CA SER B 495 20.26 12.29 9.10
C SER B 495 19.91 13.72 8.70
N ILE B 496 20.79 14.66 9.03
CA ILE B 496 20.48 16.06 8.76
C ILE B 496 20.57 16.38 7.27
N ILE B 497 21.45 15.68 6.53
CA ILE B 497 21.56 15.88 5.09
C ILE B 497 20.33 15.33 4.38
N PHE B 498 19.92 14.10 4.75
CA PHE B 498 18.70 13.51 4.21
C PHE B 498 17.49 14.39 4.47
N THR B 499 17.29 14.83 5.72
CA THR B 499 16.11 15.64 6.00
C THR B 499 16.15 16.97 5.29
N CYS B 500 17.32 17.60 5.20
CA CYS B 500 17.33 18.92 4.62
C CYS B 500 17.21 18.90 3.11
N ILE B 501 17.72 17.86 2.42
CA ILE B 501 17.62 17.89 0.96
C ILE B 501 16.45 17.09 0.42
N VAL B 502 15.91 16.12 1.17
CA VAL B 502 14.72 15.44 0.67
C VAL B 502 13.46 16.02 1.27
N TYR B 503 13.55 16.80 2.35
CA TYR B 503 12.33 17.22 3.00
C TYR B 503 11.58 18.27 2.18
N PHE B 504 12.28 19.01 1.34
CA PHE B 504 11.62 20.06 0.58
C PHE B 504 11.49 19.74 -0.90
N MET B 505 12.28 18.82 -1.43
CA MET B 505 12.01 18.32 -2.77
C MET B 505 10.72 17.53 -2.78
N LEU B 506 10.60 16.57 -1.86
CA LEU B 506 9.40 15.75 -1.70
C LEU B 506 8.17 16.57 -1.37
N GLY B 507 8.33 17.62 -0.59
CA GLY B 507 7.17 18.37 -0.19
C GLY B 507 6.41 17.63 0.89
N LEU B 508 7.09 17.33 1.99
CA LEU B 508 6.43 16.82 3.19
C LEU B 508 5.88 18.02 3.96
N LYS B 509 5.52 17.83 5.22
CA LYS B 509 4.73 18.83 5.96
C LYS B 509 5.50 20.13 6.14
N PRO B 510 4.92 21.28 5.81
CA PRO B 510 5.69 22.54 5.86
C PRO B 510 5.99 23.04 7.27
N LYS B 511 5.48 22.38 8.30
CA LYS B 511 5.74 22.81 9.67
C LYS B 511 7.20 22.58 10.03
N ALA B 512 7.73 23.44 10.90
CA ALA B 512 9.15 23.37 11.23
C ALA B 512 9.42 22.29 12.26
N ASP B 513 8.48 22.09 13.19
CA ASP B 513 8.68 21.08 14.21
C ASP B 513 8.60 19.67 13.63
N ALA B 514 7.77 19.48 12.61
CA ALA B 514 7.70 18.17 11.95
C ALA B 514 9.00 17.85 11.24
N PHE B 515 9.61 18.85 10.62
CA PHE B 515 10.96 18.73 10.12
C PHE B 515 11.96 18.40 11.22
N PHE B 516 11.73 18.93 12.42
CA PHE B 516 12.62 18.59 13.53
C PHE B 516 12.40 17.17 14.01
N VAL B 517 11.16 16.69 14.01
CA VAL B 517 10.89 15.34 14.47
C VAL B 517 11.45 14.33 13.49
N MET B 518 11.37 14.63 12.18
CA MET B 518 11.99 13.77 11.19
C MET B 518 13.50 13.77 11.34
N MET B 519 14.07 14.97 11.57
CA MET B 519 15.49 15.13 11.79
C MET B 519 15.99 14.28 12.95
N PHE B 520 15.37 14.46 14.10
CA PHE B 520 15.76 13.75 15.30
C PHE B 520 15.43 12.27 15.21
N THR B 521 14.40 11.92 14.45
CA THR B 521 13.99 10.52 14.34
C THR B 521 14.99 9.71 13.54
N LEU B 522 15.41 10.26 12.39
CA LEU B 522 16.48 9.63 11.64
C LEU B 522 17.78 9.60 12.42
N MET B 523 18.02 10.62 13.26
CA MET B 523 19.16 10.54 14.18
C MET B 523 19.06 9.32 15.09
N MET B 524 17.94 9.18 15.78
CA MET B 524 17.82 8.13 16.80
C MET B 524 17.83 6.74 16.18
N VAL B 525 17.20 6.57 15.02
CA VAL B 525 17.18 5.24 14.41
C VAL B 525 18.55 4.93 13.84
N ALA B 526 19.31 5.95 13.46
CA ALA B 526 20.68 5.71 13.05
C ALA B 526 21.54 5.27 14.23
N TYR B 527 21.39 5.95 15.38
CA TYR B 527 22.17 5.56 16.55
C TYR B 527 21.75 4.22 17.10
N SER B 528 20.51 3.83 16.91
CA SER B 528 20.05 2.60 17.51
C SER B 528 20.39 1.40 16.68
N ALA B 529 20.24 1.52 15.36
CA ALA B 529 20.71 0.47 14.48
C ALA B 529 22.22 0.34 14.58
N SER B 530 22.91 1.47 14.70
CA SER B 530 24.35 1.43 14.92
C SER B 530 24.69 0.86 16.28
N SER B 531 23.83 1.07 17.27
CA SER B 531 24.05 0.50 18.58
C SER B 531 23.91 -1.00 18.56
N MET B 532 22.96 -1.50 17.78
CA MET B 532 22.84 -2.95 17.61
C MET B 532 24.01 -3.49 16.85
N ALA B 533 24.52 -2.72 15.89
CA ALA B 533 25.71 -3.13 15.15
C ALA B 533 26.91 -3.20 16.07
N LEU B 534 26.99 -2.30 17.05
CA LEU B 534 28.07 -2.41 18.03
C LEU B 534 27.84 -3.56 18.99
N ALA B 535 26.59 -3.79 19.38
CA ALA B 535 26.29 -4.81 20.37
C ALA B 535 26.57 -6.20 19.84
N ILE B 536 26.32 -6.40 18.55
CA ILE B 536 26.68 -7.67 17.95
C ILE B 536 28.14 -7.67 17.57
N ALA B 537 28.69 -6.52 17.19
CA ALA B 537 29.99 -6.50 16.55
C ALA B 537 31.12 -6.60 17.55
N ALA B 538 30.97 -5.99 18.72
CA ALA B 538 32.09 -5.78 19.63
C ALA B 538 32.61 -7.08 20.21
N GLY B 539 33.92 -7.27 20.13
CA GLY B 539 34.55 -8.44 20.69
C GLY B 539 34.85 -9.54 19.69
N GLN B 540 34.74 -9.28 18.40
CA GLN B 540 35.03 -10.29 17.40
C GLN B 540 36.20 -9.82 16.54
N SER B 541 36.83 -10.78 15.88
CA SER B 541 37.96 -10.47 15.03
C SER B 541 37.60 -10.38 13.56
N VAL B 542 36.52 -11.04 13.16
CA VAL B 542 36.12 -11.13 11.76
C VAL B 542 34.94 -10.20 11.54
N VAL B 543 35.05 -9.34 10.53
CA VAL B 543 33.95 -8.43 10.25
C VAL B 543 32.83 -9.16 9.53
N SER B 544 33.15 -10.17 8.73
CA SER B 544 32.22 -10.68 7.72
C SER B 544 31.08 -11.48 8.33
N VAL B 545 31.37 -12.32 9.34
CA VAL B 545 30.32 -13.15 9.94
C VAL B 545 29.35 -12.29 10.72
N ALA B 546 29.86 -11.28 11.43
CA ALA B 546 28.99 -10.32 12.07
C ALA B 546 28.25 -9.47 11.06
N THR B 547 28.83 -9.27 9.89
CA THR B 547 28.16 -8.49 8.86
C THR B 547 26.97 -9.24 8.29
N LEU B 548 27.17 -10.52 7.98
CA LEU B 548 26.06 -11.36 7.52
C LEU B 548 25.02 -11.53 8.60
N LEU B 549 25.45 -11.62 9.86
CA LEU B 549 24.50 -11.81 10.94
C LEU B 549 23.69 -10.54 11.15
N MET B 550 24.32 -9.38 10.99
CA MET B 550 23.57 -8.13 11.09
C MET B 550 22.65 -7.94 9.90
N THR B 551 23.05 -8.40 8.73
CA THR B 551 22.18 -8.25 7.58
C THR B 551 20.94 -9.12 7.72
N ILE B 552 21.12 -10.33 8.26
CA ILE B 552 19.99 -11.23 8.50
C ILE B 552 19.06 -10.66 9.57
N CYS B 553 19.60 -10.07 10.63
CA CYS B 553 18.66 -9.53 11.59
C CYS B 553 18.02 -8.24 11.10
N PHE B 554 18.66 -7.53 10.18
CA PHE B 554 17.98 -6.36 9.65
C PHE B 554 16.92 -6.69 8.63
N VAL B 555 17.06 -7.78 7.89
CA VAL B 555 15.92 -8.16 7.06
C VAL B 555 14.79 -8.70 7.93
N PHE B 556 15.10 -9.50 8.95
CA PHE B 556 14.01 -9.95 9.80
C PHE B 556 13.40 -8.84 10.64
N MET B 557 14.05 -7.70 10.77
CA MET B 557 13.36 -6.54 11.28
C MET B 557 12.70 -5.71 10.18
N MET B 558 13.14 -5.87 8.93
CA MET B 558 12.53 -5.15 7.82
C MET B 558 11.10 -5.60 7.60
N ILE B 559 10.86 -6.89 7.72
CA ILE B 559 9.55 -7.46 7.43
C ILE B 559 8.53 -6.97 8.43
N PHE B 560 8.94 -6.77 9.67
CA PHE B 560 8.06 -6.32 10.72
C PHE B 560 7.95 -4.82 10.80
N SER B 561 8.36 -4.08 9.80
CA SER B 561 7.93 -2.70 9.71
C SER B 561 6.49 -2.66 9.24
N GLY B 562 5.92 -1.47 9.20
CA GLY B 562 4.51 -1.39 8.88
C GLY B 562 4.18 -1.66 7.43
N LEU B 563 5.16 -1.56 6.54
CA LEU B 563 4.82 -1.53 5.12
C LEU B 563 4.50 -2.91 4.61
N LEU B 564 5.30 -3.88 5.00
CA LEU B 564 5.45 -5.09 4.22
C LEU B 564 4.66 -6.27 4.76
N VAL B 565 3.96 -6.14 5.90
CA VAL B 565 3.13 -7.23 6.43
C VAL B 565 1.76 -6.87 6.96
N ASN B 566 1.50 -5.58 7.23
CA ASN B 566 0.38 -5.15 8.08
C ASN B 566 0.43 -5.84 9.43
N LEU B 567 1.31 -5.34 10.31
CA LEU B 567 1.53 -5.82 11.67
C LEU B 567 0.30 -6.15 12.52
N THR B 568 -0.86 -5.59 12.20
CA THR B 568 -2.07 -5.93 12.95
C THR B 568 -2.48 -7.37 12.73
N THR B 569 -2.46 -7.84 11.48
CA THR B 569 -2.97 -9.18 11.20
C THR B 569 -1.87 -10.23 11.18
N ILE B 570 -0.87 -10.12 12.05
CA ILE B 570 -0.07 -11.28 12.34
C ILE B 570 -0.80 -12.09 13.40
N ALA B 571 -0.71 -13.41 13.31
CA ALA B 571 -1.24 -14.26 14.36
C ALA B 571 -0.49 -14.02 15.65
N SER B 572 -1.20 -14.13 16.77
CA SER B 572 -0.76 -13.59 18.04
C SER B 572 0.46 -14.30 18.61
N TRP B 573 0.77 -15.51 18.17
CA TRP B 573 1.87 -16.21 18.81
C TRP B 573 3.22 -15.77 18.28
N LEU B 574 3.28 -14.94 17.25
CA LEU B 574 4.55 -14.36 16.87
C LEU B 574 4.40 -12.89 16.47
N SER B 575 3.22 -12.32 16.67
CA SER B 575 3.06 -10.88 16.60
C SER B 575 3.69 -10.17 17.76
N TRP B 576 4.11 -10.88 18.81
CA TRP B 576 4.78 -10.24 19.92
C TRP B 576 6.15 -9.71 19.58
N LEU B 577 6.77 -10.17 18.50
CA LEU B 577 8.16 -9.85 18.26
C LEU B 577 8.36 -8.69 17.31
N GLN B 578 7.26 -8.03 16.91
CA GLN B 578 7.23 -6.67 16.37
C GLN B 578 8.15 -5.74 17.14
N TYR B 579 8.09 -5.85 18.46
CA TYR B 579 8.80 -4.96 19.35
C TYR B 579 10.30 -5.15 19.30
N PHE B 580 10.78 -6.24 18.73
CA PHE B 580 12.23 -6.33 18.60
C PHE B 580 12.73 -5.63 17.37
N SER B 581 11.87 -4.99 16.59
CA SER B 581 12.27 -4.44 15.31
C SER B 581 12.52 -2.95 15.43
N ILE B 582 13.73 -2.53 15.05
CA ILE B 582 14.09 -1.12 15.06
C ILE B 582 13.44 -0.28 13.95
N PRO B 583 13.23 -0.73 12.71
CA PRO B 583 12.57 0.17 11.77
C PRO B 583 11.09 0.29 11.98
N ARG B 584 10.49 -0.50 12.85
CA ARG B 584 9.12 -0.19 13.23
C ARG B 584 9.08 1.07 14.06
N TYR B 585 10.10 1.26 14.89
CA TYR B 585 10.19 2.47 15.70
C TYR B 585 10.49 3.67 14.84
N GLY B 586 11.49 3.54 13.97
CA GLY B 586 11.82 4.63 13.06
C GLY B 586 10.70 4.93 12.10
N PHE B 587 10.25 3.94 11.35
CA PHE B 587 9.21 4.11 10.34
C PHE B 587 7.89 4.51 10.96
N THR B 588 7.62 4.05 12.17
CA THR B 588 6.37 4.41 12.82
C THR B 588 6.38 5.85 13.27
N ALA B 589 7.54 6.34 13.71
CA ALA B 589 7.60 7.76 14.05
C ALA B 589 7.55 8.62 12.81
N LEU B 590 8.31 8.26 11.77
CA LEU B 590 8.37 9.06 10.56
C LEU B 590 7.06 9.05 9.81
N GLN B 591 6.24 8.05 9.99
CA GLN B 591 4.93 8.19 9.41
C GLN B 591 3.90 8.56 10.44
N HIS B 592 4.31 8.77 11.68
CA HIS B 592 3.38 9.38 12.61
C HIS B 592 3.36 10.89 12.46
N ASN B 593 4.53 11.50 12.29
CA ASN B 593 4.55 12.95 12.26
C ASN B 593 4.20 13.51 10.90
N GLU B 594 4.03 12.66 9.90
CA GLU B 594 3.97 13.11 8.53
C GLU B 594 2.67 12.72 7.83
N PHE B 595 1.99 11.68 8.28
CA PHE B 595 0.67 11.41 7.79
C PHE B 595 -0.42 12.14 8.54
N LEU B 596 -0.14 12.63 9.74
CA LEU B 596 -1.19 12.77 10.74
C LEU B 596 -2.16 13.89 10.41
N GLY B 597 -1.71 14.90 9.71
CA GLY B 597 -2.65 15.94 9.34
C GLY B 597 -3.23 15.78 7.96
N GLN B 598 -2.73 14.80 7.22
CA GLN B 598 -2.88 14.80 5.78
C GLN B 598 -4.27 14.36 5.33
N ASN B 599 -4.41 14.24 4.02
CA ASN B 599 -5.65 13.87 3.37
C ASN B 599 -5.31 13.49 1.93
N PHE B 600 -5.99 12.47 1.41
CA PHE B 600 -5.46 11.69 0.30
C PHE B 600 -6.48 11.32 -0.75
N CYS B 601 -7.69 11.81 -0.65
CA CYS B 601 -8.62 11.59 -1.73
C CYS B 601 -9.19 12.93 -2.17
N PRO B 602 -8.85 13.36 -3.37
CA PRO B 602 -9.26 14.69 -3.83
C PRO B 602 -10.75 14.82 -4.03
N GLY B 603 -11.34 15.81 -3.40
CA GLY B 603 -12.77 15.96 -3.45
C GLY B 603 -13.50 15.20 -2.39
N LEU B 604 -12.84 14.36 -1.65
CA LEU B 604 -13.49 13.59 -0.59
C LEU B 604 -12.94 14.08 0.73
N ASN B 605 -13.79 14.77 1.49
CA ASN B 605 -13.39 15.28 2.79
C ASN B 605 -13.10 14.15 3.78
N ALA B 606 -13.98 13.14 3.81
CA ALA B 606 -13.76 11.86 4.50
C ALA B 606 -13.60 12.01 6.00
N THR B 607 -14.29 12.96 6.61
CA THR B 607 -14.47 13.00 8.05
C THR B 607 -15.90 12.56 8.33
N GLY B 608 -16.04 11.37 8.93
CA GLY B 608 -17.32 10.71 8.97
C GLY B 608 -17.63 10.22 7.57
N ASN B 609 -16.73 9.42 7.02
CA ASN B 609 -16.90 9.00 5.63
C ASN B 609 -17.96 7.92 5.49
N ASN B 610 -18.79 8.10 4.47
CA ASN B 610 -20.02 7.43 4.12
C ASN B 610 -19.84 7.03 2.65
N PRO B 611 -20.86 6.40 1.93
CA PRO B 611 -20.62 5.10 1.26
C PRO B 611 -19.31 4.77 0.54
N CYS B 612 -18.27 5.61 0.54
CA CYS B 612 -17.00 4.96 0.74
C CYS B 612 -16.67 4.69 2.19
N ASN B 613 -16.81 3.42 2.54
CA ASN B 613 -15.97 2.70 3.44
C ASN B 613 -14.78 2.18 2.63
N TYR B 614 -13.89 1.45 3.27
CA TYR B 614 -12.69 0.83 2.69
C TYR B 614 -11.78 1.81 1.94
N ALA B 615 -11.88 3.09 2.19
CA ALA B 615 -11.39 4.04 1.20
C ALA B 615 -9.95 4.43 1.47
N THR B 616 -9.55 4.52 2.74
CA THR B 616 -8.27 5.07 3.21
C THR B 616 -8.05 6.46 2.63
N CYS B 617 -8.90 7.39 3.06
CA CYS B 617 -8.85 8.76 2.59
C CYS B 617 -8.53 9.75 3.68
N THR B 618 -7.69 9.38 4.64
CA THR B 618 -7.02 10.33 5.50
C THR B 618 -5.60 9.85 5.69
N GLY B 619 -4.91 10.49 6.61
CA GLY B 619 -3.68 9.91 7.11
C GLY B 619 -3.94 9.17 8.38
N GLU B 620 -5.02 9.53 9.08
CA GLU B 620 -5.43 8.78 10.25
C GLU B 620 -5.80 7.35 9.89
N GLU B 621 -6.65 7.16 8.86
CA GLU B 621 -7.12 5.84 8.51
C GLU B 621 -5.99 4.95 8.05
N TYR B 622 -4.99 5.53 7.39
CA TYR B 622 -3.81 4.75 7.08
C TYR B 622 -3.02 4.44 8.34
N LEU B 623 -3.00 5.34 9.33
CA LEU B 623 -2.23 5.01 10.51
C LEU B 623 -2.91 3.93 11.36
N VAL B 624 -4.20 4.08 11.62
CA VAL B 624 -4.91 3.12 12.45
C VAL B 624 -5.02 1.80 11.75
N LYS B 625 -5.30 1.83 10.44
CA LYS B 625 -5.31 0.62 9.62
C LYS B 625 -3.93 -0.01 9.57
N GLN B 626 -2.90 0.79 9.75
CA GLN B 626 -1.58 0.24 9.91
C GLN B 626 -1.31 -0.20 11.34
N GLY B 627 -2.07 0.31 12.30
CA GLY B 627 -1.90 -0.09 13.68
C GLY B 627 -0.96 0.74 14.51
N ILE B 628 -1.12 2.06 14.50
CA ILE B 628 -0.19 2.99 15.13
C ILE B 628 -0.98 3.92 16.01
N ASP B 629 -0.50 4.13 17.24
CA ASP B 629 -1.21 4.93 18.22
C ASP B 629 -1.27 6.37 17.77
N LEU B 630 -2.46 6.80 17.38
CA LEU B 630 -2.71 8.14 16.88
C LEU B 630 -2.58 9.22 17.94
N SER B 631 -2.60 8.85 19.23
CA SER B 631 -2.37 9.80 20.30
C SER B 631 -0.93 10.32 20.25
N PRO B 632 -0.69 11.54 20.71
CA PRO B 632 0.68 12.09 20.65
C PRO B 632 1.70 11.35 21.48
N TRP B 633 1.31 10.55 22.48
CA TRP B 633 2.31 9.74 23.15
C TRP B 633 2.82 8.65 22.23
N GLY B 634 1.97 8.16 21.33
CA GLY B 634 2.34 7.11 20.42
C GLY B 634 3.42 7.50 19.44
N LEU B 635 3.61 8.79 19.25
CA LEU B 635 4.76 9.24 18.50
C LEU B 635 6.04 9.10 19.30
N TRP B 636 6.02 9.51 20.56
CA TRP B 636 7.26 9.64 21.32
C TRP B 636 7.67 8.37 22.03
N LYS B 637 6.74 7.44 22.26
CA LYS B 637 7.11 6.13 22.80
C LYS B 637 7.97 5.35 21.82
N ASN B 638 7.88 5.69 20.55
CA ASN B 638 8.85 5.18 19.59
C ASN B 638 10.23 5.68 19.96
N HIS B 639 10.35 6.93 20.39
CA HIS B 639 11.66 7.46 20.73
C HIS B 639 12.16 6.94 22.06
N VAL B 640 11.26 6.70 23.00
CA VAL B 640 11.69 6.11 24.27
C VAL B 640 12.13 4.68 24.05
N ALA B 641 11.43 3.97 23.17
CA ALA B 641 11.85 2.62 22.80
C ALA B 641 13.17 2.65 22.07
N LEU B 642 13.38 3.67 21.25
CA LEU B 642 14.66 3.90 20.59
C LEU B 642 15.77 4.07 21.61
N ALA B 643 15.67 5.10 22.45
CA ALA B 643 16.73 5.43 23.42
C ALA B 643 16.96 4.29 24.40
N CYS B 644 15.90 3.56 24.74
CA CYS B 644 16.04 2.35 25.54
C CYS B 644 16.85 1.29 24.81
N MET B 645 16.65 1.16 23.50
CA MET B 645 17.46 0.23 22.74
C MET B 645 18.90 0.71 22.59
N ILE B 646 19.10 2.04 22.55
CA ILE B 646 20.47 2.57 22.53
C ILE B 646 21.19 2.21 23.81
N VAL B 647 20.56 2.45 24.96
CA VAL B 647 21.21 2.24 26.24
C VAL B 647 21.46 0.75 26.49
N ILE B 648 20.49 -0.09 26.11
CA ILE B 648 20.66 -1.54 26.32
C ILE B 648 21.74 -2.08 25.39
N PHE B 649 21.71 -1.70 24.12
CA PHE B 649 22.67 -2.23 23.16
C PHE B 649 24.09 -1.75 23.47
N LEU B 650 24.26 -0.48 23.84
CA LEU B 650 25.58 -0.01 24.22
C LEU B 650 26.02 -0.61 25.54
N THR B 651 25.08 -0.94 26.42
CA THR B 651 25.42 -1.63 27.66
C THR B 651 25.93 -3.03 27.37
N ILE B 652 25.33 -3.69 26.38
CA ILE B 652 25.78 -5.02 25.99
C ILE B 652 27.19 -4.95 25.40
N ALA B 653 27.45 -3.95 24.57
CA ALA B 653 28.80 -3.78 24.04
C ALA B 653 29.79 -3.42 25.13
N TYR B 654 29.34 -2.64 26.11
CA TYR B 654 30.17 -2.24 27.24
C TYR B 654 30.57 -3.44 28.08
N LEU B 655 29.60 -4.31 28.39
CA LEU B 655 29.86 -5.53 29.13
C LEU B 655 30.72 -6.50 28.33
N LYS B 656 30.58 -6.50 27.00
CA LYS B 656 31.48 -7.29 26.19
C LYS B 656 32.90 -6.77 26.27
N LEU B 657 33.07 -5.45 26.41
CA LEU B 657 34.42 -4.92 26.52
C LEU B 657 35.02 -5.18 27.89
N LEU B 658 34.22 -5.06 28.95
CA LEU B 658 34.73 -5.37 30.28
C LEU B 658 35.00 -6.86 30.45
N PHE B 659 34.29 -7.72 29.72
CA PHE B 659 34.50 -9.14 29.86
C PHE B 659 35.55 -9.69 28.91
N LEU B 660 35.84 -9.00 27.82
CA LEU B 660 36.87 -9.44 26.90
C LEU B 660 38.15 -8.61 26.98
N LYS B 661 38.21 -7.62 27.88
CA LYS B 661 39.35 -6.73 27.93
C LYS B 661 40.61 -7.44 28.43
N LYS B 662 40.44 -8.44 29.30
CA LYS B 662 41.58 -9.18 29.82
C LYS B 662 41.80 -10.48 29.06
N TYR B 663 40.82 -10.89 28.24
CA TYR B 663 41.01 -12.05 27.37
C TYR B 663 42.12 -11.80 26.38
N SER B 664 41.98 -10.71 25.61
CA SER B 664 43.04 -10.10 24.80
C SER B 664 43.60 -11.02 23.72
N VAL C 2 -33.78 -6.64 0.89
CA VAL C 2 -33.53 -8.07 0.96
C VAL C 2 -34.37 -8.64 2.12
N GLN C 3 -34.80 -9.89 1.98
CA GLN C 3 -35.68 -10.52 2.96
C GLN C 3 -35.09 -11.86 3.35
N LEU C 4 -34.78 -12.00 4.63
CA LEU C 4 -34.08 -13.17 5.16
C LEU C 4 -35.00 -13.93 6.09
N GLN C 5 -34.85 -15.24 6.11
CA GLN C 5 -35.63 -16.05 7.04
C GLN C 5 -34.87 -17.32 7.33
N GLU C 6 -34.50 -17.54 8.58
CA GLU C 6 -33.78 -18.74 8.94
C GLU C 6 -34.70 -19.66 9.73
N SER C 7 -34.44 -20.96 9.63
CA SER C 7 -35.30 -21.94 10.27
C SER C 7 -34.53 -23.23 10.49
N GLY C 8 -34.76 -23.86 11.64
CA GLY C 8 -34.09 -25.09 11.99
C GLY C 8 -34.66 -25.66 13.27
N PRO C 9 -33.87 -26.47 13.98
CA PRO C 9 -34.34 -27.03 15.24
C PRO C 9 -34.40 -26.00 16.34
N GLY C 10 -35.26 -26.25 17.32
CA GLY C 10 -35.34 -25.45 18.51
C GLY C 10 -34.61 -26.02 19.70
N LEU C 11 -33.78 -27.03 19.47
CA LEU C 11 -33.08 -27.75 20.54
C LEU C 11 -31.97 -28.57 19.91
N VAL C 12 -30.92 -28.81 20.70
CA VAL C 12 -29.96 -29.85 20.38
C VAL C 12 -29.42 -30.40 21.70
N LYS C 13 -29.05 -31.67 21.69
CA LYS C 13 -28.38 -32.27 22.81
C LYS C 13 -26.95 -31.72 22.91
N PRO C 14 -26.39 -31.66 24.11
CA PRO C 14 -25.01 -31.20 24.25
C PRO C 14 -24.01 -32.13 23.59
N SER C 15 -22.84 -31.56 23.27
CA SER C 15 -21.74 -32.23 22.58
C SER C 15 -22.17 -32.84 21.25
N GLN C 16 -23.01 -32.11 20.52
CA GLN C 16 -23.43 -32.49 19.18
C GLN C 16 -23.21 -31.31 18.25
N SER C 17 -23.87 -31.40 17.09
CA SER C 17 -23.85 -30.31 16.12
C SER C 17 -25.27 -29.82 15.88
N LEU C 18 -25.41 -28.54 15.58
CA LEU C 18 -26.69 -27.99 15.18
C LEU C 18 -26.54 -27.29 13.84
N SER C 19 -27.57 -27.35 13.03
CA SER C 19 -27.57 -26.75 11.70
C SER C 19 -28.72 -25.78 11.59
N LEU C 20 -28.45 -24.61 11.04
CA LEU C 20 -29.51 -23.69 10.67
C LEU C 20 -29.31 -23.23 9.24
N THR C 21 -30.40 -22.74 8.68
CA THR C 21 -30.47 -22.37 7.27
C THR C 21 -31.15 -21.03 7.15
N CYS C 22 -30.53 -20.07 6.49
CA CYS C 22 -31.16 -18.77 6.28
C CYS C 22 -31.49 -18.62 4.80
N THR C 23 -32.73 -18.92 4.45
CA THR C 23 -33.22 -18.71 3.10
C THR C 23 -33.32 -17.22 2.80
N VAL C 24 -32.66 -16.81 1.73
CA VAL C 24 -32.56 -15.42 1.32
C VAL C 24 -33.40 -15.21 0.08
N THR C 25 -34.31 -14.25 0.14
CA THR C 25 -35.01 -13.82 -1.06
C THR C 25 -34.70 -12.36 -1.27
N GLY C 26 -34.43 -11.99 -2.52
CA GLY C 26 -34.18 -10.61 -2.89
C GLY C 26 -32.87 -10.40 -3.62
N PHE C 27 -31.78 -11.01 -3.18
CA PHE C 27 -30.54 -11.00 -3.94
C PHE C 27 -30.15 -12.42 -4.26
N SER C 28 -28.95 -12.57 -4.81
CA SER C 28 -28.27 -13.84 -4.87
C SER C 28 -27.13 -13.82 -3.88
N ILE C 29 -26.84 -14.99 -3.32
CA ILE C 29 -25.78 -15.12 -2.31
C ILE C 29 -24.44 -14.81 -2.94
N THR C 30 -24.28 -15.16 -4.20
CA THR C 30 -23.04 -14.86 -4.90
C THR C 30 -23.11 -13.54 -5.66
N SER C 31 -24.15 -12.75 -5.46
CA SER C 31 -24.25 -11.52 -6.24
C SER C 31 -23.44 -10.38 -5.62
N ASP C 32 -23.87 -9.87 -4.48
CA ASP C 32 -23.24 -8.66 -3.95
C ASP C 32 -22.70 -8.79 -2.53
N TYR C 33 -23.52 -9.03 -1.53
CA TYR C 33 -23.13 -8.61 -0.19
C TYR C 33 -22.33 -9.71 0.49
N ALA C 34 -22.00 -9.54 1.77
CA ALA C 34 -21.47 -10.64 2.57
C ALA C 34 -22.51 -11.04 3.60
N TRP C 35 -22.59 -12.33 3.90
CA TRP C 35 -23.73 -12.92 4.58
C TRP C 35 -23.29 -13.55 5.88
N ASN C 36 -24.05 -13.31 6.94
CA ASN C 36 -23.47 -13.19 8.26
C ASN C 36 -24.35 -13.89 9.29
N TRP C 37 -23.74 -14.38 10.37
CA TRP C 37 -24.45 -15.03 11.48
C TRP C 37 -24.04 -14.37 12.79
N ILE C 38 -25.04 -14.09 13.62
CA ILE C 38 -24.92 -13.33 14.85
C ILE C 38 -25.79 -13.98 15.90
N ARG C 39 -25.19 -14.38 17.01
CA ARG C 39 -25.91 -14.93 18.15
C ARG C 39 -26.21 -13.81 19.12
N GLN C 40 -26.99 -14.15 20.15
CA GLN C 40 -27.32 -13.21 21.19
C GLN C 40 -27.65 -13.98 22.45
N PHE C 41 -26.83 -13.80 23.47
CA PHE C 41 -26.92 -14.50 24.74
C PHE C 41 -28.24 -14.19 25.44
N PRO C 42 -28.70 -15.07 26.34
CA PRO C 42 -30.01 -14.83 26.98
C PRO C 42 -29.95 -13.61 27.87
N GLY C 43 -30.78 -12.63 27.55
CA GLY C 43 -30.63 -11.33 28.15
C GLY C 43 -30.22 -10.30 27.14
N LYS C 44 -28.97 -9.87 27.18
CA LYS C 44 -28.58 -8.67 26.46
C LYS C 44 -27.48 -8.87 25.44
N LYS C 45 -26.38 -9.54 25.81
CA LYS C 45 -25.11 -9.42 25.08
C LYS C 45 -25.19 -9.99 23.67
N LEU C 46 -24.45 -9.39 22.76
CA LEU C 46 -24.37 -9.78 21.37
C LEU C 46 -22.99 -10.30 21.02
N GLU C 47 -22.93 -11.08 19.95
CA GLU C 47 -21.67 -11.65 19.50
C GLU C 47 -21.78 -12.00 18.04
N TRP C 48 -21.08 -11.25 17.19
CA TRP C 48 -20.95 -11.58 15.79
C TRP C 48 -20.23 -12.91 15.63
N MET C 49 -20.83 -13.85 14.88
CA MET C 49 -20.23 -15.17 14.70
C MET C 49 -19.44 -15.28 13.42
N GLY C 50 -20.05 -15.01 12.27
CA GLY C 50 -19.21 -15.08 11.09
C GLY C 50 -19.91 -14.92 9.75
N TYR C 51 -19.18 -14.52 8.72
CA TYR C 51 -19.79 -14.32 7.42
C TYR C 51 -19.10 -15.20 6.39
N ILE C 52 -19.88 -15.72 5.46
CA ILE C 52 -19.38 -16.12 4.16
C ILE C 52 -19.76 -15.01 3.19
N ASN C 53 -18.81 -14.57 2.39
CA ASN C 53 -19.12 -13.47 1.50
C ASN C 53 -19.68 -14.04 0.20
N PHE C 54 -19.72 -13.24 -0.85
CA PHE C 54 -20.31 -13.71 -2.09
C PHE C 54 -19.43 -14.74 -2.79
N ASP C 55 -18.11 -14.66 -2.66
CA ASP C 55 -17.26 -15.60 -3.36
C ASP C 55 -16.82 -16.76 -2.47
N GLY C 56 -17.64 -17.15 -1.50
CA GLY C 56 -17.42 -18.39 -0.81
C GLY C 56 -16.35 -18.40 0.25
N GLY C 57 -15.47 -17.40 0.29
CA GLY C 57 -14.57 -17.29 1.41
C GLY C 57 -15.31 -17.00 2.70
N THR C 58 -14.77 -17.49 3.81
CA THR C 58 -15.47 -17.39 5.08
C THR C 58 -14.58 -16.69 6.09
N THR C 59 -15.21 -16.05 7.08
CA THR C 59 -14.50 -15.50 8.22
C THR C 59 -15.32 -15.75 9.47
N TYR C 60 -14.68 -16.28 10.49
CA TYR C 60 -15.36 -16.72 11.69
C TYR C 60 -14.81 -15.96 12.89
N ASN C 61 -15.66 -15.76 13.89
CA ASN C 61 -15.24 -15.09 15.11
C ASN C 61 -14.25 -15.98 15.83
N PRO C 62 -13.03 -15.52 16.12
CA PRO C 62 -11.98 -16.43 16.60
C PRO C 62 -12.23 -17.00 17.99
N SER C 63 -13.23 -16.54 18.70
CA SER C 63 -13.71 -17.27 19.87
C SER C 63 -14.29 -18.62 19.46
N LEU C 64 -14.95 -18.66 18.31
CA LEU C 64 -15.60 -19.87 17.82
C LEU C 64 -14.70 -20.58 16.81
N ARG C 65 -13.53 -21.01 17.28
CA ARG C 65 -12.60 -21.69 16.39
C ARG C 65 -12.87 -23.17 16.39
N GLY C 66 -12.83 -23.76 15.20
CA GLY C 66 -13.08 -25.16 14.99
C GLY C 66 -14.52 -25.61 15.21
N ARG C 67 -15.41 -24.74 15.68
CA ARG C 67 -16.74 -25.13 16.08
C ARG C 67 -17.81 -24.64 15.13
N ILE C 68 -17.64 -23.50 14.53
CA ILE C 68 -18.61 -23.04 13.54
C ILE C 68 -18.09 -23.44 12.16
N SER C 69 -19.03 -23.75 11.27
CA SER C 69 -18.75 -23.77 9.86
C SER C 69 -19.97 -23.25 9.14
N ILE C 70 -19.73 -22.42 8.14
CA ILE C 70 -20.80 -21.79 7.37
C ILE C 70 -20.66 -22.25 5.92
N THR C 71 -21.73 -22.78 5.36
CA THR C 71 -21.70 -23.28 4.00
C THR C 71 -22.73 -22.55 3.15
N ARG C 72 -22.68 -22.82 1.85
CA ARG C 72 -23.46 -22.05 0.89
C ARG C 72 -24.15 -23.00 -0.07
N ASP C 73 -25.42 -22.74 -0.35
CA ASP C 73 -26.20 -23.47 -1.34
C ASP C 73 -26.75 -22.41 -2.28
N THR C 74 -26.10 -22.25 -3.44
CA THR C 74 -26.32 -21.07 -4.26
C THR C 74 -27.65 -21.11 -4.99
N SER C 75 -28.15 -22.32 -5.30
CA SER C 75 -29.32 -22.43 -6.16
C SER C 75 -30.61 -22.04 -5.46
N LYS C 76 -30.73 -22.40 -4.18
CA LYS C 76 -31.91 -22.05 -3.40
C LYS C 76 -31.75 -20.73 -2.67
N ASN C 77 -30.60 -20.07 -2.84
CA ASN C 77 -30.15 -18.92 -2.05
C ASN C 77 -30.22 -19.24 -0.55
N GLN C 78 -29.42 -20.21 -0.16
CA GLN C 78 -29.35 -20.61 1.23
C GLN C 78 -27.91 -20.55 1.71
N PHE C 79 -27.75 -20.29 3.00
CA PHE C 79 -26.46 -20.45 3.63
C PHE C 79 -26.70 -20.96 5.03
N PHE C 80 -25.82 -21.88 5.46
CA PHE C 80 -26.07 -22.76 6.59
C PHE C 80 -25.01 -22.48 7.64
N LEU C 81 -25.38 -22.57 8.91
CA LEU C 81 -24.37 -22.76 9.95
C LEU C 81 -24.50 -24.15 10.49
N GLN C 82 -23.38 -24.75 10.85
CA GLN C 82 -23.37 -25.90 11.75
C GLN C 82 -22.39 -25.59 12.87
N LEU C 83 -22.83 -25.82 14.09
CA LEU C 83 -22.06 -25.52 15.27
C LEU C 83 -21.79 -26.85 15.96
N ARG C 84 -20.53 -27.22 16.03
CA ARG C 84 -20.11 -28.52 16.53
C ARG C 84 -19.64 -28.37 17.97
N SER C 85 -19.85 -29.43 18.74
CA SER C 85 -19.50 -29.51 20.16
C SER C 85 -20.15 -28.38 20.96
N VAL C 86 -21.47 -28.39 20.96
CA VAL C 86 -22.23 -27.35 21.64
C VAL C 86 -22.15 -27.53 23.15
N THR C 87 -22.67 -26.55 23.86
CA THR C 87 -22.62 -26.39 25.30
C THR C 87 -23.88 -25.61 25.64
N PRO C 88 -24.48 -25.83 26.81
CA PRO C 88 -25.65 -25.00 27.20
C PRO C 88 -25.35 -23.50 27.36
N GLU C 89 -24.08 -23.07 27.30
CA GLU C 89 -23.78 -21.67 27.06
C GLU C 89 -24.38 -21.20 25.74
N ASP C 90 -24.28 -22.02 24.70
CA ASP C 90 -24.70 -21.65 23.35
C ASP C 90 -26.20 -21.61 23.18
N THR C 91 -26.96 -21.81 24.24
CA THR C 91 -28.36 -21.44 24.26
C THR C 91 -28.44 -19.94 24.05
N ALA C 92 -28.94 -19.54 22.89
CA ALA C 92 -28.90 -18.15 22.49
C ALA C 92 -29.86 -17.94 21.33
N THR C 93 -30.33 -16.71 21.18
CA THR C 93 -31.11 -16.36 20.01
C THR C 93 -30.17 -16.25 18.83
N TYR C 94 -30.49 -16.87 17.71
CA TYR C 94 -29.60 -16.73 16.57
C TYR C 94 -30.27 -15.95 15.45
N TYR C 95 -29.41 -15.31 14.66
CA TYR C 95 -29.74 -14.33 13.62
C TYR C 95 -28.84 -14.55 12.41
N CYS C 96 -29.41 -14.45 11.23
CA CYS C 96 -28.65 -14.23 10.01
C CYS C 96 -28.80 -12.78 9.62
N ALA C 97 -27.68 -12.13 9.26
CA ALA C 97 -27.67 -10.70 8.99
C ALA C 97 -26.71 -10.40 7.86
N THR C 98 -26.99 -9.29 7.20
CA THR C 98 -26.57 -9.00 5.84
C THR C 98 -25.69 -7.75 5.82
N PHE C 99 -24.43 -7.95 5.49
CA PHE C 99 -23.39 -6.96 5.67
C PHE C 99 -23.04 -6.35 4.32
N TYR C 100 -23.08 -5.01 4.26
CA TYR C 100 -22.99 -4.30 2.98
C TYR C 100 -21.57 -4.20 2.47
N GLY C 101 -20.62 -4.04 3.36
CA GLY C 101 -19.26 -3.80 2.92
C GLY C 101 -18.92 -2.34 2.75
N ALA C 102 -19.39 -1.70 1.69
CA ALA C 102 -19.03 -0.31 1.44
C ALA C 102 -19.78 0.66 2.32
N LYS C 103 -20.74 0.20 3.10
CA LYS C 103 -21.31 1.00 4.16
C LYS C 103 -20.81 0.54 5.51
N GLY C 104 -20.43 -0.74 5.59
CA GLY C 104 -19.79 -1.32 6.74
C GLY C 104 -20.74 -1.85 7.79
N THR C 105 -22.01 -1.57 7.69
CA THR C 105 -22.90 -1.85 8.79
C THR C 105 -23.86 -2.96 8.43
N LEU C 106 -24.19 -3.77 9.43
CA LEU C 106 -25.03 -4.94 9.26
C LEU C 106 -26.43 -4.48 9.00
N ASP C 107 -26.79 -4.33 7.73
CA ASP C 107 -27.96 -3.54 7.39
C ASP C 107 -29.25 -4.30 7.61
N TYR C 108 -29.27 -5.59 7.31
CA TYR C 108 -30.50 -6.35 7.38
C TYR C 108 -30.31 -7.56 8.28
N TRP C 109 -31.38 -7.97 8.95
CA TRP C 109 -31.25 -8.99 9.97
C TRP C 109 -32.39 -9.99 9.83
N GLY C 110 -32.09 -11.24 10.17
CA GLY C 110 -33.13 -12.25 10.24
C GLY C 110 -34.08 -11.98 11.40
N GLN C 111 -35.19 -12.69 11.41
CA GLN C 111 -36.15 -12.40 12.46
C GLN C 111 -35.83 -13.16 13.73
N GLY C 112 -35.25 -14.34 13.62
CA GLY C 112 -34.63 -14.83 14.84
C GLY C 112 -35.19 -16.14 15.32
N THR C 113 -34.32 -17.00 15.81
CA THR C 113 -34.78 -18.26 16.36
C THR C 113 -33.98 -18.66 17.58
N SER C 114 -34.68 -18.93 18.68
CA SER C 114 -34.00 -19.34 19.89
C SER C 114 -33.47 -20.74 19.73
N VAL C 115 -32.24 -20.97 20.15
CA VAL C 115 -31.64 -22.28 20.09
C VAL C 115 -31.19 -22.64 21.50
N THR C 116 -31.74 -23.72 22.04
CA THR C 116 -31.47 -24.10 23.41
C THR C 116 -30.74 -25.43 23.43
N VAL C 117 -29.46 -25.40 23.80
CA VAL C 117 -28.73 -26.61 24.08
C VAL C 117 -29.17 -27.11 25.45
N SER C 118 -29.73 -28.31 25.49
CA SER C 118 -30.23 -28.83 26.76
C SER C 118 -30.12 -30.33 26.77
N SER C 119 -29.90 -30.88 27.97
CA SER C 119 -29.80 -32.32 28.15
C SER C 119 -31.13 -32.97 28.49
N ILE D 2 -10.45 -5.45 19.84
CA ILE D 2 -11.11 -4.21 20.21
C ILE D 2 -12.39 -4.50 20.93
N VAL D 3 -12.46 -4.11 22.20
CA VAL D 3 -13.68 -4.23 22.98
C VAL D 3 -14.28 -2.84 23.10
N LEU D 4 -15.57 -2.72 22.80
CA LEU D 4 -16.22 -1.50 23.18
C LEU D 4 -16.49 -1.51 24.68
N THR D 5 -16.85 -0.36 25.21
CA THR D 5 -17.22 -0.24 26.60
C THR D 5 -18.32 0.81 26.68
N GLN D 6 -19.54 0.35 26.74
CA GLN D 6 -20.70 1.22 26.71
C GLN D 6 -21.15 1.43 28.14
N SER D 7 -20.80 2.58 28.71
CA SER D 7 -21.15 2.83 30.09
C SER D 7 -21.93 4.14 30.20
N PRO D 8 -22.96 4.18 31.05
CA PRO D 8 -23.53 3.09 31.83
C PRO D 8 -24.49 2.23 31.02
N SER D 9 -24.98 1.16 31.63
CA SER D 9 -25.89 0.26 30.96
C SER D 9 -27.35 0.53 31.27
N SER D 10 -27.66 1.65 31.93
CA SER D 10 -29.05 1.98 32.21
C SER D 10 -29.21 3.49 32.34
N PHE D 11 -30.38 3.97 31.91
CA PHE D 11 -30.82 5.32 32.14
C PHE D 11 -32.32 5.30 32.34
N SER D 12 -32.83 6.25 33.13
CA SER D 12 -34.27 6.40 33.34
C SER D 12 -34.58 7.87 33.15
N VAL D 13 -34.90 8.25 31.93
CA VAL D 13 -35.14 9.63 31.56
C VAL D 13 -36.55 9.74 31.03
N SER D 14 -37.27 10.79 31.43
CA SER D 14 -38.68 10.94 31.10
C SER D 14 -38.87 11.23 29.62
N LEU D 15 -40.14 11.32 29.23
CA LEU D 15 -40.50 11.45 27.83
C LEU D 15 -40.19 12.85 27.33
N GLY D 16 -39.87 12.94 26.04
CA GLY D 16 -39.65 14.22 25.40
C GLY D 16 -38.40 14.94 25.86
N ASP D 17 -37.34 14.21 26.17
CA ASP D 17 -36.14 14.81 26.73
C ASP D 17 -34.94 14.54 25.82
N ARG D 18 -33.81 15.11 26.19
CA ARG D 18 -32.57 14.80 25.51
C ARG D 18 -31.76 13.85 26.38
N VAL D 19 -31.31 12.74 25.80
CA VAL D 19 -30.56 11.74 26.52
C VAL D 19 -29.30 11.43 25.72
N THR D 20 -28.25 11.04 26.42
CA THR D 20 -26.92 10.95 25.88
C THR D 20 -26.32 9.61 26.24
N ILE D 21 -25.85 8.88 25.23
CA ILE D 21 -25.21 7.59 25.42
C ILE D 21 -23.80 7.70 24.89
N SER D 22 -22.84 7.23 25.69
CA SER D 22 -21.43 7.40 25.38
C SER D 22 -20.78 6.04 25.26
N CYS D 23 -20.44 5.65 24.05
CA CYS D 23 -19.73 4.41 23.79
C CYS D 23 -18.25 4.74 23.75
N LYS D 24 -17.45 3.94 24.44
CA LYS D 24 -16.02 4.20 24.61
C LYS D 24 -15.28 3.00 24.06
N ALA D 25 -14.48 3.20 23.03
CA ALA D 25 -13.75 2.07 22.48
C ALA D 25 -12.50 1.78 23.29
N SER D 26 -11.80 0.73 22.88
CA SER D 26 -10.54 0.42 23.54
C SER D 26 -9.36 0.86 22.71
N GLY D 27 -9.56 1.00 21.40
CA GLY D 27 -8.59 1.61 20.53
C GLY D 27 -9.24 2.75 19.76
N TYR D 28 -8.55 3.22 18.74
CA TYR D 28 -9.18 4.14 17.81
C TYR D 28 -10.02 3.34 16.83
N ILE D 29 -11.26 3.76 16.60
CA ILE D 29 -12.07 3.11 15.59
C ILE D 29 -12.49 4.04 14.48
N LEU D 30 -12.25 5.35 14.59
CA LEU D 30 -12.24 6.30 13.48
C LEU D 30 -13.56 6.33 12.71
N ASN D 31 -14.61 6.70 13.43
CA ASN D 31 -15.96 6.88 12.93
C ASN D 31 -16.55 5.60 12.36
N ARG D 32 -15.97 4.45 12.63
CA ARG D 32 -16.56 3.18 12.26
C ARG D 32 -17.30 2.67 13.48
N LEU D 33 -18.53 3.14 13.62
CA LEU D 33 -19.26 2.90 14.85
C LEU D 33 -20.73 3.04 14.53
N ALA D 34 -21.45 1.93 14.50
CA ALA D 34 -22.85 1.97 14.18
C ALA D 34 -23.63 1.81 15.47
N TRP D 35 -24.76 2.50 15.57
CA TRP D 35 -25.68 2.31 16.68
C TRP D 35 -26.83 1.46 16.20
N TYR D 36 -27.20 0.47 17.00
CA TYR D 36 -28.33 -0.40 16.70
C TYR D 36 -29.37 -0.23 17.78
N GLN D 37 -30.62 -0.48 17.40
CA GLN D 37 -31.78 -0.07 18.18
C GLN D 37 -32.65 -1.30 18.35
N GLN D 38 -32.36 -2.14 19.33
CA GLN D 38 -33.09 -3.39 19.51
C GLN D 38 -34.31 -3.12 20.38
N LYS D 39 -35.46 -3.53 19.88
CA LYS D 39 -36.71 -3.47 20.61
C LYS D 39 -36.76 -4.61 21.61
N PRO D 40 -37.84 -4.72 22.40
CA PRO D 40 -38.12 -6.02 23.02
C PRO D 40 -38.65 -7.01 22.00
N GLY D 41 -37.87 -8.06 21.74
CA GLY D 41 -38.33 -9.18 20.94
C GLY D 41 -38.07 -9.07 19.46
N ASN D 42 -37.01 -8.40 19.03
CA ASN D 42 -36.76 -8.20 17.62
C ASN D 42 -35.27 -8.30 17.36
N ALA D 43 -34.94 -8.10 16.23
CA ALA D 43 -33.56 -8.11 15.79
C ALA D 43 -33.02 -6.69 15.80
N PRO D 44 -31.72 -6.51 16.05
CA PRO D 44 -31.16 -5.16 16.09
C PRO D 44 -31.22 -4.42 14.77
N ARG D 45 -32.05 -3.40 14.67
CA ARG D 45 -32.17 -2.61 13.47
C ARG D 45 -31.10 -1.53 13.48
N LEU D 46 -30.52 -1.28 12.30
CA LEU D 46 -29.44 -0.29 12.19
C LEU D 46 -29.97 1.12 12.38
N LEU D 47 -29.34 1.88 13.26
CA LEU D 47 -29.74 3.24 13.50
C LEU D 47 -28.76 4.25 12.94
N ILE D 48 -27.49 4.20 13.36
CA ILE D 48 -26.53 5.23 12.95
C ILE D 48 -25.34 4.55 12.31
N SER D 49 -25.04 4.90 11.07
CA SER D 49 -23.93 4.32 10.34
C SER D 49 -22.84 5.35 10.17
N GLY D 50 -21.60 4.94 10.36
CA GLY D 50 -20.49 5.85 10.22
C GLY D 50 -20.34 6.84 11.35
N ALA D 51 -21.10 6.70 12.42
CA ALA D 51 -21.12 7.46 13.66
C ALA D 51 -21.62 8.88 13.53
N THR D 52 -21.93 9.36 12.32
CA THR D 52 -22.54 10.66 12.16
C THR D 52 -23.85 10.58 11.40
N SER D 53 -23.92 9.70 10.41
CA SER D 53 -25.04 9.69 9.47
C SER D 53 -26.25 9.02 10.08
N LEU D 54 -27.21 8.66 9.25
CA LEU D 54 -28.45 8.07 9.75
C LEU D 54 -29.15 7.34 8.61
N GLU D 55 -29.50 6.08 8.86
CA GLU D 55 -30.24 5.30 7.88
C GLU D 55 -31.64 5.88 7.73
N THR D 56 -32.11 5.98 6.48
CA THR D 56 -33.43 6.49 6.20
C THR D 56 -34.51 5.59 6.80
N GLY D 57 -35.60 6.20 7.20
CA GLY D 57 -36.63 5.48 7.92
C GLY D 57 -36.54 5.64 9.41
N PHE D 58 -36.16 6.82 9.88
CA PHE D 58 -36.05 7.15 11.29
C PHE D 58 -36.41 8.61 11.51
N PRO D 59 -36.94 8.97 12.68
CA PRO D 59 -37.52 10.31 12.86
C PRO D 59 -36.54 11.46 12.86
N SER D 60 -35.25 11.24 12.59
CA SER D 60 -34.20 12.26 12.47
C SER D 60 -34.03 13.10 13.73
N ARG D 61 -34.44 12.56 14.86
CA ARG D 61 -34.22 13.15 16.17
C ARG D 61 -32.95 12.60 16.81
N PHE D 62 -32.23 11.78 16.06
CA PHE D 62 -31.08 11.02 16.53
C PHE D 62 -29.82 11.64 15.95
N SER D 63 -28.79 11.77 16.78
CA SER D 63 -27.63 12.52 16.34
C SER D 63 -26.38 11.88 16.91
N GLY D 64 -25.56 11.27 16.03
CA GLY D 64 -24.34 10.63 16.45
C GLY D 64 -23.16 11.59 16.33
N THR D 65 -22.50 11.83 17.44
CA THR D 65 -21.36 12.72 17.47
C THR D 65 -20.18 12.01 18.08
N GLY D 66 -19.09 12.74 18.21
CA GLY D 66 -17.91 12.25 18.87
C GLY D 66 -16.91 11.70 17.87
N SER D 67 -15.64 11.76 18.23
CA SER D 67 -14.59 11.13 17.47
C SER D 67 -13.45 10.78 18.41
N GLY D 68 -12.39 10.22 17.85
CA GLY D 68 -11.30 9.78 18.69
C GLY D 68 -11.59 8.40 19.22
N LYS D 69 -12.02 8.33 20.47
CA LYS D 69 -12.58 7.12 21.04
C LYS D 69 -13.94 7.31 21.63
N ASP D 70 -14.26 8.49 22.13
CA ASP D 70 -15.58 8.81 22.63
C ASP D 70 -16.55 8.91 21.47
N TYR D 71 -17.63 8.16 21.51
CA TYR D 71 -18.72 8.36 20.59
C TYR D 71 -19.99 8.52 21.40
N THR D 72 -20.98 9.17 20.79
CA THR D 72 -22.16 9.56 21.57
C THR D 72 -23.38 9.60 20.68
N LEU D 73 -24.37 8.79 21.02
CA LEU D 73 -25.69 8.96 20.46
C LEU D 73 -26.45 9.95 21.33
N SER D 74 -27.04 10.96 20.70
CA SER D 74 -27.80 11.96 21.42
C SER D 74 -29.20 12.01 20.86
N ILE D 75 -30.18 11.87 21.74
CA ILE D 75 -31.59 11.87 21.37
C ILE D 75 -32.22 13.13 21.92
N SER D 76 -32.64 14.03 21.05
CA SER D 76 -33.47 15.15 21.45
C SER D 76 -34.92 14.74 21.35
N SER D 77 -35.71 15.11 22.37
CA SER D 77 -37.14 14.82 22.48
C SER D 77 -37.40 13.31 22.44
N LEU D 78 -36.91 12.64 23.49
CA LEU D 78 -37.02 11.20 23.65
C LEU D 78 -38.47 10.74 23.68
N GLN D 79 -38.91 10.05 22.65
CA GLN D 79 -40.31 9.67 22.55
C GLN D 79 -40.56 8.33 23.21
N THR D 80 -41.77 7.81 22.99
CA THR D 80 -42.16 6.52 23.55
C THR D 80 -41.47 5.39 22.81
N GLU D 81 -41.35 5.50 21.49
CA GLU D 81 -40.80 4.43 20.67
C GLU D 81 -39.32 4.22 20.90
N ASP D 82 -38.64 5.18 21.51
CA ASP D 82 -37.20 5.17 21.61
C ASP D 82 -36.70 4.55 22.90
N VAL D 83 -37.58 4.02 23.74
CA VAL D 83 -37.12 3.12 24.77
C VAL D 83 -36.73 1.80 24.11
N GLY D 84 -35.70 1.16 24.62
CA GLY D 84 -35.22 -0.05 23.99
C GLY D 84 -33.85 -0.41 24.54
N THR D 85 -33.02 -0.95 23.66
CA THR D 85 -31.65 -1.25 24.03
C THR D 85 -30.75 -0.87 22.88
N TYR D 86 -29.77 -0.01 23.12
CA TYR D 86 -28.99 0.58 22.04
C TYR D 86 -27.58 0.03 22.11
N TYR D 87 -27.15 -0.62 21.04
CA TYR D 87 -25.86 -1.28 21.02
C TYR D 87 -24.94 -0.56 20.07
N CYS D 88 -23.86 0.00 20.59
CA CYS D 88 -22.85 0.49 19.68
C CYS D 88 -22.09 -0.69 19.15
N GLN D 89 -21.47 -0.52 17.99
CA GLN D 89 -20.85 -1.64 17.32
C GLN D 89 -19.73 -1.12 16.45
N GLN D 90 -18.51 -1.43 16.80
CA GLN D 90 -17.45 -1.05 15.89
C GLN D 90 -17.46 -2.01 14.72
N TYR D 91 -16.98 -1.54 13.59
CA TYR D 91 -16.75 -2.37 12.43
C TYR D 91 -15.46 -1.97 11.77
N TRP D 92 -14.53 -1.49 12.58
CA TRP D 92 -13.22 -1.15 12.07
C TRP D 92 -12.43 -2.40 11.74
N SER D 93 -12.62 -3.48 12.50
CA SER D 93 -11.85 -4.69 12.25
C SER D 93 -12.57 -5.86 12.85
N THR D 94 -12.56 -6.97 12.12
CA THR D 94 -13.07 -8.23 12.62
C THR D 94 -12.22 -8.70 13.80
N PRO D 95 -12.83 -9.18 14.88
CA PRO D 95 -14.26 -9.38 15.13
C PRO D 95 -15.00 -8.14 15.55
N TRP D 96 -16.26 -8.05 15.20
CA TRP D 96 -16.99 -6.80 15.31
C TRP D 96 -17.73 -6.82 16.63
N THR D 97 -17.01 -6.50 17.68
CA THR D 97 -17.58 -6.52 19.01
C THR D 97 -18.64 -5.47 19.14
N PHE D 98 -19.74 -5.82 19.79
CA PHE D 98 -20.77 -4.83 19.98
C PHE D 98 -20.53 -4.19 21.34
N GLY D 99 -21.47 -3.44 21.82
CA GLY D 99 -21.37 -2.93 23.17
C GLY D 99 -22.21 -3.73 24.12
N GLY D 100 -22.14 -3.36 25.38
CA GLY D 100 -22.97 -4.01 26.37
C GLY D 100 -24.42 -3.63 26.28
N GLY D 101 -24.73 -2.56 25.58
CA GLY D 101 -26.12 -2.17 25.45
C GLY D 101 -26.56 -1.28 26.59
N THR D 102 -27.52 -0.44 26.31
CA THR D 102 -28.05 0.47 27.32
C THR D 102 -29.56 0.39 27.31
N LYS D 103 -30.13 -0.10 28.39
CA LYS D 103 -31.57 -0.21 28.49
C LYS D 103 -32.11 1.09 29.04
N LEU D 104 -32.73 1.88 28.19
CA LEU D 104 -33.37 3.10 28.65
C LEU D 104 -34.63 2.77 29.44
N GLU D 105 -35.04 3.71 30.29
CA GLU D 105 -36.24 3.55 31.09
C GLU D 105 -37.02 4.84 31.09
N ILE D 106 -38.29 4.74 31.44
CA ILE D 106 -39.19 5.88 31.49
C ILE D 106 -39.39 6.28 32.95
N ARG D 107 -39.31 7.58 33.23
CA ARG D 107 -39.40 8.07 34.59
C ARG D 107 -40.83 7.94 35.10
N VAL E 2 -26.01 22.59 -5.52
CA VAL E 2 -25.06 23.70 -5.49
C VAL E 2 -25.32 24.56 -6.74
N GLN E 3 -25.08 25.87 -6.63
CA GLN E 3 -25.35 26.81 -7.71
C GLN E 3 -24.12 27.65 -7.96
N LEU E 4 -23.59 27.55 -9.16
CA LEU E 4 -22.32 28.18 -9.52
C LEU E 4 -22.58 29.26 -10.56
N GLN E 5 -21.79 30.32 -10.52
CA GLN E 5 -21.90 31.37 -11.52
C GLN E 5 -20.57 32.06 -11.64
N GLU E 6 -19.95 32.00 -12.81
CA GLU E 6 -18.68 32.66 -13.01
C GLU E 6 -18.87 33.88 -13.90
N SER E 7 -18.01 34.88 -13.70
CA SER E 7 -18.15 36.13 -14.42
C SER E 7 -16.82 36.85 -14.48
N GLY E 8 -16.52 37.44 -15.63
CA GLY E 8 -15.28 38.16 -15.82
C GLY E 8 -15.28 38.88 -17.16
N PRO E 9 -14.08 39.14 -17.69
CA PRO E 9 -14.01 39.81 -18.99
C PRO E 9 -14.42 38.89 -20.12
N GLY E 10 -14.86 39.50 -21.22
CA GLY E 10 -15.16 38.79 -22.44
C GLY E 10 -14.06 38.86 -23.47
N LEU E 11 -12.88 39.32 -23.08
CA LEU E 11 -11.76 39.53 -23.99
C LEU E 11 -10.50 39.71 -23.17
N VAL E 12 -9.36 39.37 -23.77
CA VAL E 12 -8.07 39.80 -23.28
C VAL E 12 -7.12 39.94 -24.47
N LYS E 13 -6.18 40.86 -24.35
CA LYS E 13 -5.13 40.98 -25.34
C LYS E 13 -4.19 39.79 -25.23
N PRO E 14 -3.55 39.39 -26.33
CA PRO E 14 -2.59 38.29 -26.27
C PRO E 14 -1.37 38.62 -25.42
N SER E 15 -0.72 37.56 -24.95
CA SER E 15 0.46 37.62 -24.05
C SER E 15 0.18 38.43 -22.79
N GLN E 16 -1.00 38.25 -22.23
CA GLN E 16 -1.37 38.85 -20.97
C GLN E 16 -1.94 37.77 -20.05
N SER E 17 -2.62 38.22 -19.01
CA SER E 17 -3.30 37.33 -18.10
C SER E 17 -4.79 37.63 -18.10
N LEU E 18 -5.60 36.61 -17.88
CA LEU E 18 -7.03 36.80 -17.70
C LEU E 18 -7.46 36.17 -16.38
N SER E 19 -8.44 36.80 -15.73
CA SER E 19 -8.94 36.34 -14.45
C SER E 19 -10.42 36.07 -14.55
N LEU E 20 -10.87 34.96 -14.01
CA LEU E 20 -12.29 34.70 -13.85
C LEU E 20 -12.57 34.28 -12.43
N THR E 21 -13.84 34.42 -12.05
CA THR E 21 -14.30 34.22 -10.69
C THR E 21 -15.57 33.41 -10.73
N CYS E 22 -15.62 32.29 -10.02
CA CYS E 22 -16.85 31.51 -9.97
C CYS E 22 -17.43 31.61 -8.57
N THR E 23 -18.39 32.50 -8.40
CA THR E 23 -19.12 32.63 -7.15
C THR E 23 -20.00 31.41 -6.92
N VAL E 24 -19.82 30.77 -5.77
CA VAL E 24 -20.49 29.54 -5.41
C VAL E 24 -21.51 29.84 -4.33
N THR E 25 -22.75 29.48 -4.57
CA THR E 25 -23.76 29.50 -3.52
C THR E 25 -24.25 28.10 -3.30
N GLY E 26 -24.40 27.71 -2.05
CA GLY E 26 -24.93 26.40 -1.69
C GLY E 26 -24.04 25.60 -0.78
N PHE E 27 -22.74 25.56 -1.02
CA PHE E 27 -21.81 24.95 -0.06
C PHE E 27 -20.80 26.01 0.36
N SER E 28 -19.81 25.56 1.09
CA SER E 28 -18.60 26.31 1.32
C SER E 28 -17.48 25.68 0.51
N ILE E 29 -16.56 26.52 0.03
CA ILE E 29 -15.44 26.05 -0.78
C ILE E 29 -14.55 25.15 0.04
N THR E 30 -14.43 25.41 1.33
CA THR E 30 -13.65 24.57 2.20
C THR E 30 -14.47 23.51 2.88
N SER E 31 -15.74 23.34 2.49
CA SER E 31 -16.56 22.35 3.21
C SER E 31 -16.33 20.94 2.68
N ASP E 32 -16.79 20.66 1.46
CA ASP E 32 -16.79 19.27 0.99
C ASP E 32 -16.04 19.05 -0.31
N TYR E 33 -16.47 19.62 -1.42
CA TYR E 33 -16.13 18.99 -2.70
C TYR E 33 -14.80 19.52 -3.20
N ALA E 34 -14.40 19.15 -4.42
CA ALA E 34 -13.28 19.80 -5.09
C ALA E 34 -13.81 20.61 -6.25
N TRP E 35 -13.17 21.75 -6.50
CA TRP E 35 -13.74 22.80 -7.33
C TRP E 35 -12.84 23.06 -8.53
N ASN E 36 -13.45 23.18 -9.70
CA ASN E 36 -12.81 22.73 -10.92
C ASN E 36 -13.05 23.73 -12.05
N TRP E 37 -12.11 23.79 -13.01
CA TRP E 37 -12.21 24.65 -14.18
C TRP E 37 -12.00 23.83 -15.43
N ILE E 38 -12.87 24.05 -16.42
CA ILE E 38 -12.96 23.26 -17.64
C ILE E 38 -13.21 24.21 -18.80
N ARG E 39 -12.32 24.21 -19.78
CA ARG E 39 -12.48 24.99 -20.99
C ARG E 39 -13.14 24.13 -22.05
N GLN E 40 -13.48 24.76 -23.16
CA GLN E 40 -14.09 24.06 -24.29
C GLN E 40 -13.77 24.84 -25.55
N PHE E 41 -13.01 24.21 -26.43
CA PHE E 41 -12.53 24.81 -27.67
C PHE E 41 -13.71 25.18 -28.58
N PRO E 42 -13.52 26.13 -29.51
CA PRO E 42 -14.66 26.55 -30.35
C PRO E 42 -15.08 25.42 -31.28
N GLY E 43 -16.32 25.01 -31.13
CA GLY E 43 -16.76 23.78 -31.75
C GLY E 43 -17.09 22.73 -30.72
N LYS E 44 -16.23 21.73 -30.58
CA LYS E 44 -16.62 20.54 -29.86
C LYS E 44 -15.73 20.20 -28.67
N LYS E 45 -14.41 20.20 -28.84
CA LYS E 45 -13.51 19.50 -27.92
C LYS E 45 -13.51 20.10 -26.52
N LEU E 46 -13.31 19.24 -25.53
CA LEU E 46 -13.26 19.63 -24.13
C LEU E 46 -11.89 19.38 -23.54
N GLU E 47 -11.60 20.08 -22.45
CA GLU E 47 -10.32 19.96 -21.79
C GLU E 47 -10.46 20.39 -20.34
N TRP E 48 -10.37 19.43 -19.44
CA TRP E 48 -10.31 19.71 -18.02
C TRP E 48 -9.06 20.51 -17.70
N MET E 49 -9.21 21.66 -17.01
CA MET E 49 -8.06 22.50 -16.70
C MET E 49 -7.54 22.25 -15.29
N GLY E 50 -8.36 22.39 -14.27
CA GLY E 50 -7.80 22.08 -12.97
C GLY E 50 -8.68 22.36 -11.77
N TYR E 51 -8.43 21.69 -10.65
CA TYR E 51 -9.24 21.89 -9.46
C TYR E 51 -8.37 22.36 -8.32
N ILE E 52 -8.93 23.23 -7.49
CA ILE E 52 -8.49 23.40 -6.12
C ILE E 52 -9.52 22.67 -5.26
N ASN E 53 -9.05 21.84 -4.34
CA ASN E 53 -10.02 21.09 -3.55
C ASN E 53 -10.41 21.94 -2.34
N PHE E 54 -11.01 21.31 -1.34
CA PHE E 54 -11.46 22.07 -0.20
C PHE E 54 -10.31 22.55 0.68
N ASP E 55 -9.21 21.80 0.75
CA ASP E 55 -8.12 22.24 1.61
C ASP E 55 -7.02 22.97 0.85
N GLY E 56 -7.37 23.68 -0.21
CA GLY E 56 -6.45 24.61 -0.82
C GLY E 56 -5.37 24.02 -1.70
N GLY E 57 -5.12 22.71 -1.64
CA GLY E 57 -4.23 22.11 -2.61
C GLY E 57 -4.82 22.18 -4.01
N THR E 58 -3.95 22.28 -5.00
CA THR E 58 -4.39 22.48 -6.37
C THR E 58 -3.82 21.38 -7.25
N THR E 59 -4.52 21.10 -8.34
CA THR E 59 -4.04 20.21 -9.38
C THR E 59 -4.41 20.78 -10.73
N TYR E 60 -3.43 20.87 -11.62
CA TYR E 60 -3.61 21.53 -12.89
C TYR E 60 -3.34 20.55 -14.03
N ASN E 61 -4.01 20.75 -15.15
CA ASN E 61 -3.80 19.91 -16.32
C ASN E 61 -2.40 20.14 -16.84
N PRO E 62 -1.55 19.13 -16.94
CA PRO E 62 -0.13 19.36 -17.23
C PRO E 62 0.17 19.91 -18.60
N SER E 63 -0.82 19.98 -19.49
CA SER E 63 -0.66 20.81 -20.69
C SER E 63 -0.55 22.28 -20.32
N LEU E 64 -1.27 22.70 -19.29
CA LEU E 64 -1.28 24.09 -18.86
C LEU E 64 -0.32 24.30 -17.71
N ARG E 65 0.97 24.05 -17.96
CA ARG E 65 1.96 24.21 -16.92
C ARG E 65 2.48 25.64 -16.90
N GLY E 66 2.62 26.17 -15.69
CA GLY E 66 3.08 27.52 -15.48
C GLY E 66 2.13 28.62 -15.90
N ARG E 67 1.01 28.29 -16.53
CA ARG E 67 0.13 29.28 -17.12
C ARG E 67 -1.18 29.45 -16.39
N ILE E 68 -1.70 28.41 -15.80
CA ILE E 68 -2.90 28.53 -15.00
C ILE E 68 -2.49 28.69 -13.55
N SER E 69 -3.25 29.47 -12.80
CA SER E 69 -3.22 29.41 -11.35
C SER E 69 -4.63 29.60 -10.86
N ILE E 70 -5.01 28.82 -9.87
CA ILE E 70 -6.35 28.86 -9.30
C ILE E 70 -6.22 29.24 -7.84
N THR E 71 -6.95 30.27 -7.42
CA THR E 71 -6.88 30.76 -6.06
C THR E 71 -8.26 30.67 -5.41
N ARG E 72 -8.29 30.95 -4.11
CA ARG E 72 -9.49 30.72 -3.30
C ARG E 72 -9.74 31.93 -2.43
N ASP E 73 -10.99 32.36 -2.37
CA ASP E 73 -11.45 33.42 -1.48
C ASP E 73 -12.59 32.83 -0.69
N THR E 74 -12.29 32.42 0.55
CA THR E 74 -13.20 31.55 1.28
C THR E 74 -14.43 32.30 1.79
N SER E 75 -14.30 33.60 2.06
CA SER E 75 -15.37 34.32 2.75
C SER E 75 -16.55 34.59 1.83
N LYS E 76 -16.28 34.92 0.57
CA LYS E 76 -17.33 35.17 -0.40
C LYS E 76 -17.75 33.91 -1.15
N ASN E 77 -17.13 32.77 -0.82
CA ASN E 77 -17.20 31.52 -1.58
C ASN E 77 -16.87 31.75 -3.05
N GLN E 78 -15.64 32.18 -3.29
CA GLN E 78 -15.16 32.42 -4.63
C GLN E 78 -13.90 31.62 -4.88
N PHE E 79 -13.70 31.26 -6.14
CA PHE E 79 -12.42 30.71 -6.55
C PHE E 79 -12.14 31.22 -7.95
N PHE E 80 -10.88 31.54 -8.19
CA PHE E 80 -10.47 32.37 -9.32
C PHE E 80 -9.55 31.55 -10.20
N LEU E 81 -9.62 31.75 -11.51
CA LEU E 81 -8.50 31.36 -12.36
C LEU E 81 -7.83 32.61 -12.88
N GLN E 82 -6.52 32.54 -13.03
CA GLN E 82 -5.80 33.48 -13.86
C GLN E 82 -4.94 32.67 -14.82
N LEU E 83 -5.01 33.03 -16.09
CA LEU E 83 -4.32 32.33 -17.15
C LEU E 83 -3.32 33.31 -17.73
N ARG E 84 -2.05 32.99 -17.60
CA ARG E 84 -0.96 33.88 -17.98
C ARG E 84 -0.41 33.45 -19.33
N SER E 85 0.06 34.44 -20.08
CA SER E 85 0.62 34.26 -21.42
C SER E 85 -0.38 33.57 -22.35
N VAL E 86 -1.50 34.24 -22.56
CA VAL E 86 -2.57 33.69 -23.39
C VAL E 86 -2.18 33.73 -24.86
N THR E 87 -3.00 33.12 -25.69
CA THR E 87 -2.82 32.89 -27.11
C THR E 87 -4.22 32.84 -27.67
N PRO E 88 -4.45 33.28 -28.91
CA PRO E 88 -5.79 33.13 -29.51
C PRO E 88 -6.27 31.68 -29.67
N GLU E 89 -5.42 30.67 -29.44
CA GLU E 89 -5.91 29.32 -29.21
C GLU E 89 -6.85 29.27 -28.01
N ASP E 90 -6.51 29.98 -26.93
CA ASP E 90 -7.26 29.93 -25.70
C ASP E 90 -8.59 30.66 -25.76
N THR E 91 -8.97 31.17 -26.92
CA THR E 91 -10.35 31.55 -27.16
C THR E 91 -11.21 30.31 -27.03
N ALA E 92 -12.01 30.26 -25.97
CA ALA E 92 -12.74 29.06 -25.62
C ALA E 92 -13.84 29.42 -24.64
N THR E 93 -14.87 28.60 -24.62
CA THR E 93 -15.89 28.75 -23.60
C THR E 93 -15.33 28.23 -22.29
N TYR E 94 -15.47 28.98 -21.21
CA TYR E 94 -14.96 28.47 -19.94
C TYR E 94 -16.10 28.19 -18.97
N TYR E 95 -15.81 27.24 -18.08
CA TYR E 95 -16.74 26.61 -17.15
C TYR E 95 -16.05 26.40 -15.82
N CYS E 96 -16.77 26.65 -14.73
CA CYS E 96 -16.42 26.15 -13.42
C CYS E 96 -17.34 24.98 -13.11
N ALA E 97 -16.78 23.88 -12.62
CA ALA E 97 -17.52 22.66 -12.39
C ALA E 97 -17.03 21.96 -11.13
N THR E 98 -17.93 21.17 -10.57
CA THR E 98 -17.93 20.77 -9.17
C THR E 98 -17.81 19.27 -9.07
N PHE E 99 -16.69 18.81 -8.53
CA PHE E 99 -16.28 17.42 -8.58
C PHE E 99 -16.50 16.79 -7.22
N TYR E 100 -17.22 15.65 -7.22
CA TYR E 100 -17.69 15.06 -5.97
C TYR E 100 -16.61 14.29 -5.25
N GLY E 101 -15.76 13.61 -5.98
CA GLY E 101 -14.79 12.76 -5.35
C GLY E 101 -15.25 11.33 -5.18
N ALA E 102 -16.14 11.07 -4.23
CA ALA E 102 -16.57 9.70 -3.98
C ALA E 102 -17.57 9.20 -5.00
N LYS E 103 -18.03 10.03 -5.90
CA LYS E 103 -18.75 9.58 -7.07
C LYS E 103 -17.89 9.67 -8.30
N GLY E 104 -16.91 10.57 -8.28
CA GLY E 104 -15.90 10.70 -9.29
C GLY E 104 -16.27 11.57 -10.45
N THR E 105 -17.51 11.98 -10.57
CA THR E 105 -17.94 12.63 -11.79
C THR E 105 -18.26 14.08 -11.53
N LEU E 106 -17.98 14.90 -12.54
CA LEU E 106 -18.13 16.34 -12.47
C LEU E 106 -19.60 16.66 -12.45
N ASP E 107 -20.17 16.77 -11.25
CA ASP E 107 -21.62 16.69 -11.12
C ASP E 107 -22.30 18.00 -11.52
N TYR E 108 -21.71 19.13 -11.18
CA TYR E 108 -22.38 20.39 -11.42
C TYR E 108 -21.47 21.31 -12.23
N TRP E 109 -22.06 22.17 -13.03
CA TRP E 109 -21.28 22.94 -13.98
C TRP E 109 -21.75 24.37 -13.98
N GLY E 110 -20.83 25.28 -14.23
CA GLY E 110 -21.19 26.67 -14.44
C GLY E 110 -21.95 26.86 -15.73
N GLN E 111 -22.54 28.03 -15.89
CA GLN E 111 -23.34 28.22 -17.09
C GLN E 111 -22.49 28.65 -18.27
N GLY E 112 -21.42 29.38 -18.02
CA GLY E 112 -20.47 29.44 -19.11
C GLY E 112 -20.20 30.83 -19.62
N THR E 113 -18.95 31.10 -19.94
CA THR E 113 -18.63 32.41 -20.50
C THR E 113 -17.56 32.28 -21.57
N SER E 114 -17.84 32.83 -22.75
CA SER E 114 -16.87 32.78 -23.82
C SER E 114 -15.74 33.73 -23.52
N VAL E 115 -14.52 33.28 -23.74
CA VAL E 115 -13.35 34.13 -23.54
C VAL E 115 -12.58 34.14 -24.84
N THR E 116 -12.42 35.32 -25.42
CA THR E 116 -11.78 35.46 -26.72
C THR E 116 -10.49 36.23 -26.57
N VAL E 117 -9.37 35.54 -26.75
CA VAL E 117 -8.07 36.21 -26.86
C VAL E 117 -7.99 36.79 -28.25
N SER E 118 -7.87 38.11 -28.34
CA SER E 118 -7.84 38.75 -29.65
C SER E 118 -6.98 40.00 -29.60
N SER E 119 -6.33 40.30 -30.71
CA SER E 119 -5.49 41.48 -30.82
C SER E 119 -6.24 42.69 -31.35
N ILE F 2 -3.44 9.33 -20.52
CA ILE F 2 -4.54 8.54 -21.07
C ILE F 2 -5.38 9.39 -21.99
N VAL F 3 -5.40 9.06 -23.27
CA VAL F 3 -6.26 9.71 -24.23
C VAL F 3 -7.41 8.77 -24.54
N LEU F 4 -8.63 9.28 -24.47
CA LEU F 4 -9.71 8.51 -25.03
C LEU F 4 -9.66 8.60 -26.54
N THR F 5 -10.44 7.75 -27.19
CA THR F 5 -10.56 7.78 -28.64
C THR F 5 -11.98 7.39 -28.96
N GLN F 6 -12.81 8.37 -29.20
CA GLN F 6 -14.22 8.15 -29.42
C GLN F 6 -14.46 8.15 -30.92
N SER F 7 -14.60 6.96 -31.48
CA SER F 7 -14.77 6.86 -32.92
C SER F 7 -16.05 6.08 -33.24
N PRO F 8 -16.81 6.51 -34.26
CA PRO F 8 -16.64 7.73 -35.06
C PRO F 8 -17.20 8.95 -34.37
N SER F 9 -17.02 10.11 -34.98
CA SER F 9 -17.51 11.37 -34.42
C SER F 9 -18.84 11.80 -34.99
N SER F 10 -19.52 10.95 -35.75
CA SER F 10 -20.82 11.31 -36.28
C SER F 10 -21.66 10.06 -36.54
N PHE F 11 -22.96 10.19 -36.34
CA PHE F 11 -23.94 9.20 -36.72
C PHE F 11 -25.20 9.94 -37.18
N SER F 12 -25.94 9.32 -38.09
CA SER F 12 -27.21 9.87 -38.54
C SER F 12 -28.21 8.73 -38.50
N VAL F 13 -28.88 8.57 -37.38
CA VAL F 13 -29.81 7.48 -37.14
C VAL F 13 -31.17 8.08 -36.87
N SER F 14 -32.21 7.48 -37.45
CA SER F 14 -33.55 8.03 -37.37
C SER F 14 -34.13 7.90 -35.96
N LEU F 15 -35.34 8.43 -35.80
CA LEU F 15 -35.96 8.53 -34.49
C LEU F 15 -36.43 7.16 -34.03
N GLY F 16 -36.43 6.96 -32.71
CA GLY F 16 -36.95 5.74 -32.13
C GLY F 16 -36.13 4.51 -32.41
N ASP F 17 -34.81 4.64 -32.50
CA ASP F 17 -33.96 3.53 -32.88
C ASP F 17 -32.97 3.23 -31.77
N ARG F 18 -32.20 2.17 -31.97
CA ARG F 18 -31.09 1.88 -31.08
C ARG F 18 -29.79 2.30 -31.75
N VAL F 19 -29.00 3.08 -31.03
CA VAL F 19 -27.73 3.58 -31.55
C VAL F 19 -26.65 3.28 -30.53
N THR F 20 -25.43 3.11 -31.03
CA THR F 20 -24.33 2.57 -30.25
C THR F 20 -23.12 3.46 -30.42
N ILE F 21 -22.55 3.90 -29.31
CA ILE F 21 -21.35 4.73 -29.31
C ILE F 21 -20.27 3.98 -28.55
N SER F 22 -19.09 3.90 -29.15
CA SER F 22 -18.01 3.10 -28.63
C SER F 22 -16.83 3.99 -28.31
N CYS F 23 -16.56 4.21 -27.04
CA CYS F 23 -15.41 4.95 -26.59
C CYS F 23 -14.29 3.98 -26.32
N LYS F 24 -13.11 4.27 -26.81
CA LYS F 24 -11.97 3.37 -26.76
C LYS F 24 -10.85 4.08 -26.02
N ALA F 25 -10.43 3.55 -24.87
CA ALA F 25 -9.38 4.22 -24.15
C ALA F 25 -8.02 3.85 -24.71
N SER F 26 -6.99 4.46 -24.13
CA SER F 26 -5.64 4.12 -24.54
C SER F 26 -4.97 3.19 -23.56
N GLY F 27 -5.44 3.19 -22.31
CA GLY F 27 -5.05 2.22 -21.32
C GLY F 27 -6.29 1.56 -20.75
N TYR F 28 -6.09 0.83 -19.66
CA TYR F 28 -7.23 0.36 -18.92
C TYR F 28 -7.76 1.47 -18.04
N ILE F 29 -9.07 1.69 -18.04
CA ILE F 29 -9.64 2.68 -17.15
C ILE F 29 -10.64 2.08 -16.18
N LEU F 30 -11.02 0.82 -16.34
CA LEU F 30 -11.66 0.01 -15.29
C LEU F 30 -12.95 0.62 -14.78
N ASN F 31 -13.90 0.78 -15.67
CA ASN F 31 -15.25 1.29 -15.42
C ASN F 31 -15.27 2.70 -14.87
N ARG F 32 -14.16 3.43 -14.98
CA ARG F 32 -14.13 4.84 -14.63
C ARG F 32 -14.33 5.60 -15.92
N LEU F 33 -15.58 5.78 -16.30
CA LEU F 33 -15.89 6.30 -17.61
C LEU F 33 -17.28 6.88 -17.56
N ALA F 34 -17.38 8.19 -17.58
CA ALA F 34 -18.66 8.84 -17.51
C ALA F 34 -19.04 9.32 -18.89
N TRP F 35 -20.32 9.24 -19.22
CA TRP F 35 -20.83 9.81 -20.45
C TRP F 35 -21.50 11.12 -20.12
N TYR F 36 -21.21 12.16 -20.92
CA TYR F 36 -21.83 13.46 -20.76
C TYR F 36 -22.63 13.79 -22.00
N GLN F 37 -23.65 14.61 -21.82
CA GLN F 37 -24.70 14.77 -22.81
C GLN F 37 -24.85 16.27 -23.05
N GLN F 38 -24.01 16.83 -23.91
CA GLN F 38 -24.04 18.27 -24.14
C GLN F 38 -25.06 18.60 -25.21
N LYS F 39 -25.96 19.52 -24.89
CA LYS F 39 -26.93 20.03 -25.82
C LYS F 39 -26.26 21.04 -26.75
N PRO F 40 -26.99 21.63 -27.70
CA PRO F 40 -26.51 22.89 -28.28
C PRO F 40 -26.69 24.04 -27.31
N GLY F 41 -25.57 24.60 -26.85
CA GLY F 41 -25.59 25.81 -26.07
C GLY F 41 -25.68 25.65 -24.57
N ASN F 42 -25.14 24.56 -24.02
CA ASN F 42 -25.28 24.29 -22.59
C ASN F 42 -23.98 23.68 -22.08
N ALA F 43 -23.99 23.39 -20.92
CA ALA F 43 -22.88 22.74 -20.27
C ALA F 43 -23.07 21.24 -20.27
N PRO F 44 -21.99 20.46 -20.30
CA PRO F 44 -22.14 18.99 -20.33
C PRO F 44 -22.77 18.42 -19.08
N ARG F 45 -23.99 17.92 -19.21
CA ARG F 45 -24.69 17.31 -18.09
C ARG F 45 -24.26 15.85 -17.98
N LEU F 46 -24.09 15.38 -16.74
CA LEU F 46 -23.65 14.01 -16.51
C LEU F 46 -24.73 13.01 -16.88
N LEU F 47 -24.38 12.02 -17.68
CA LEU F 47 -25.34 11.01 -18.08
C LEU F 47 -25.06 9.67 -17.42
N ILE F 48 -23.88 9.09 -17.61
CA ILE F 48 -23.60 7.75 -17.12
C ILE F 48 -22.36 7.80 -16.24
N SER F 49 -22.49 7.37 -15.00
CA SER F 49 -21.38 7.39 -14.05
C SER F 49 -20.96 5.96 -13.76
N GLY F 50 -19.66 5.73 -13.72
CA GLY F 50 -19.16 4.40 -13.45
C GLY F 50 -19.29 3.43 -14.59
N ALA F 51 -19.70 3.89 -15.77
CA ALA F 51 -19.85 3.20 -17.05
C ALA F 51 -20.97 2.19 -17.08
N THR F 52 -21.68 1.95 -15.98
CA THR F 52 -22.84 1.09 -16.00
C THR F 52 -24.08 1.80 -15.48
N SER F 53 -23.90 2.64 -14.46
CA SER F 53 -25.03 3.20 -13.72
C SER F 53 -25.65 4.35 -14.48
N LEU F 54 -26.46 5.15 -13.80
CA LEU F 54 -27.17 6.23 -14.46
C LEU F 54 -27.62 7.25 -13.42
N GLU F 55 -27.28 8.52 -13.65
CA GLU F 55 -27.74 9.57 -12.75
C GLU F 55 -29.25 9.73 -12.87
N THR F 56 -29.92 9.90 -11.73
CA THR F 56 -31.36 10.08 -11.72
C THR F 56 -31.75 11.37 -12.42
N GLY F 57 -32.92 11.34 -13.04
CA GLY F 57 -33.34 12.44 -13.88
C GLY F 57 -33.05 12.23 -15.35
N PHE F 58 -33.21 11.00 -15.82
CA PHE F 58 -33.01 10.62 -17.21
C PHE F 58 -33.98 9.50 -17.57
N PRO F 59 -34.39 9.41 -18.84
CA PRO F 59 -35.50 8.50 -19.19
C PRO F 59 -35.19 7.01 -19.10
N SER F 60 -34.02 6.61 -18.61
CA SER F 60 -33.62 5.21 -18.36
C SER F 60 -33.66 4.36 -19.63
N ARG F 61 -33.55 5.00 -20.79
CA ARG F 61 -33.40 4.35 -22.07
C ARG F 61 -31.94 4.21 -22.45
N PHE F 62 -31.05 4.61 -21.55
CA PHE F 62 -29.62 4.72 -21.77
C PHE F 62 -28.93 3.60 -21.02
N SER F 63 -27.95 2.97 -21.67
CA SER F 63 -27.37 1.77 -21.08
C SER F 63 -25.90 1.72 -21.40
N GLY F 64 -25.06 1.89 -20.36
CA GLY F 64 -23.64 1.86 -20.53
C GLY F 64 -23.08 0.46 -20.26
N THR F 65 -22.43 -0.08 -21.26
CA THR F 65 -21.86 -1.42 -21.17
C THR F 65 -20.39 -1.36 -21.52
N GLY F 66 -19.77 -2.53 -21.50
CA GLY F 66 -18.41 -2.67 -21.92
C GLY F 66 -17.47 -2.63 -20.74
N SER F 67 -16.33 -3.30 -20.89
CA SER F 67 -15.25 -3.22 -19.92
C SER F 67 -13.95 -3.49 -20.64
N GLY F 68 -12.87 -3.48 -19.87
CA GLY F 68 -11.56 -3.63 -20.48
C GLY F 68 -11.07 -2.29 -20.98
N LYS F 69 -11.20 -2.06 -22.27
CA LYS F 69 -10.99 -0.75 -22.85
C LYS F 69 -12.17 -0.28 -23.68
N ASP F 70 -12.91 -1.19 -24.28
CA ASP F 70 -14.12 -0.85 -25.02
C ASP F 70 -15.20 -0.44 -24.05
N TYR F 71 -15.77 0.73 -24.23
CA TYR F 71 -16.97 1.08 -23.52
C TYR F 71 -18.00 1.52 -24.52
N THR F 72 -19.27 1.44 -24.15
CA THR F 72 -20.32 1.64 -25.13
C THR F 72 -21.55 2.21 -24.46
N LEU F 73 -21.98 3.38 -24.92
CA LEU F 73 -23.29 3.87 -24.59
C LEU F 73 -24.27 3.35 -25.64
N SER F 74 -25.36 2.74 -25.19
CA SER F 74 -26.36 2.21 -26.08
C SER F 74 -27.70 2.84 -25.77
N ILE F 75 -28.33 3.41 -26.79
CA ILE F 75 -29.60 4.09 -26.66
C ILE F 75 -30.65 3.27 -27.39
N SER F 76 -31.59 2.69 -26.66
CA SER F 76 -32.75 2.09 -27.27
C SER F 76 -33.83 3.14 -27.38
N SER F 77 -34.51 3.16 -28.54
CA SER F 77 -35.59 4.10 -28.88
C SER F 77 -35.12 5.55 -28.78
N LEU F 78 -34.19 5.88 -29.68
CA LEU F 78 -33.57 7.20 -29.78
C LEU F 78 -34.60 8.28 -30.02
N GLN F 79 -34.83 9.14 -29.03
CA GLN F 79 -35.89 10.14 -29.15
C GLN F 79 -35.35 11.42 -29.75
N THR F 80 -36.20 12.45 -29.72
CA THR F 80 -35.82 13.75 -30.25
C THR F 80 -34.82 14.45 -29.34
N GLU F 81 -35.02 14.32 -28.03
CA GLU F 81 -34.18 15.03 -27.05
C GLU F 81 -32.76 14.50 -27.02
N ASP F 82 -32.52 13.31 -27.58
CA ASP F 82 -31.24 12.65 -27.42
C ASP F 82 -30.29 12.92 -28.57
N VAL F 83 -30.66 13.78 -29.51
CA VAL F 83 -29.65 14.33 -30.40
C VAL F 83 -28.82 15.32 -29.60
N GLY F 84 -27.52 15.37 -29.89
CA GLY F 84 -26.65 16.23 -29.12
C GLY F 84 -25.21 15.89 -29.40
N THR F 85 -24.39 15.98 -28.36
CA THR F 85 -23.00 15.59 -28.47
C THR F 85 -22.61 14.86 -27.21
N TYR F 86 -22.12 13.63 -27.34
CA TYR F 86 -21.93 12.77 -26.19
C TYR F 86 -20.44 12.58 -25.99
N TYR F 87 -19.94 12.98 -24.82
CA TYR F 87 -18.51 12.96 -24.54
C TYR F 87 -18.23 11.91 -23.49
N CYS F 88 -17.47 10.88 -23.86
CA CYS F 88 -16.99 10.00 -22.83
C CYS F 88 -15.86 10.69 -22.09
N GLN F 89 -15.62 10.27 -20.87
CA GLN F 89 -14.68 10.98 -20.02
C GLN F 89 -14.11 10.02 -19.02
N GLN F 90 -12.84 9.70 -19.13
CA GLN F 90 -12.27 8.89 -18.08
C GLN F 90 -12.04 9.76 -16.88
N TYR F 91 -12.04 9.15 -15.71
CA TYR F 91 -11.66 9.81 -14.47
C TYR F 91 -10.85 8.85 -13.64
N TRP F 92 -10.13 7.96 -14.31
CA TRP F 92 -9.24 7.06 -13.62
C TRP F 92 -8.04 7.80 -13.08
N SER F 93 -7.56 8.81 -13.79
CA SER F 93 -6.37 9.52 -13.33
C SER F 93 -6.32 10.89 -13.98
N THR F 94 -5.92 11.87 -13.19
CA THR F 94 -5.68 13.21 -13.69
C THR F 94 -4.52 13.19 -14.68
N PRO F 95 -4.63 13.88 -15.82
CA PRO F 95 -5.73 14.73 -16.28
C PRO F 95 -6.87 13.97 -16.90
N TRP F 96 -8.07 14.50 -16.77
CA TRP F 96 -9.27 13.74 -17.07
C TRP F 96 -9.67 14.08 -18.50
N THR F 97 -9.00 13.43 -19.44
CA THR F 97 -9.25 13.68 -20.84
C THR F 97 -10.64 13.25 -21.22
N PHE F 98 -11.31 14.06 -22.01
CA PHE F 98 -12.64 13.69 -22.44
C PHE F 98 -12.48 12.97 -23.77
N GLY F 99 -13.57 12.75 -24.45
CA GLY F 99 -13.48 12.21 -25.79
C GLY F 99 -13.67 13.29 -26.82
N GLY F 100 -13.54 12.89 -28.08
CA GLY F 100 -13.79 13.84 -29.14
C GLY F 100 -15.24 14.19 -29.33
N GLY F 101 -16.13 13.42 -28.76
CA GLY F 101 -17.54 13.75 -28.89
C GLY F 101 -18.12 13.14 -30.13
N THR F 102 -19.42 12.87 -30.08
CA THR F 102 -20.11 12.29 -31.21
C THR F 102 -21.38 13.08 -31.44
N LYS F 103 -21.45 13.75 -32.58
CA LYS F 103 -22.63 14.53 -32.92
C LYS F 103 -23.61 13.62 -33.63
N LEU F 104 -24.68 13.25 -32.94
CA LEU F 104 -25.71 12.46 -33.58
C LEU F 104 -26.50 13.33 -34.54
N GLU F 105 -27.15 12.68 -35.51
CA GLU F 105 -27.97 13.37 -36.49
C GLU F 105 -29.25 12.60 -36.70
N ILE F 106 -30.24 13.28 -37.25
CA ILE F 106 -31.55 12.70 -37.53
C ILE F 106 -31.65 12.42 -39.02
N ARG F 107 -32.13 11.23 -39.35
CA ARG F 107 -32.23 10.80 -40.74
C ARG F 107 -33.30 11.58 -41.48
C1 NAG G . -20.88 -9.17 -9.41
C2 NAG G . -20.71 -10.67 -9.54
C3 NAG G . -20.88 -11.09 -11.00
C4 NAG G . -22.04 -10.37 -11.71
C5 NAG G . -22.16 -8.90 -11.29
C6 NAG G . -23.47 -8.25 -11.69
C7 NAG G . -19.12 -12.32 -8.65
C8 NAG G . -17.71 -12.56 -8.22
N2 NAG G . -19.39 -11.08 -9.06
O3 NAG G . -21.10 -12.49 -11.05
O4 NAG G . -21.74 -10.37 -13.10
O5 NAG G . -22.10 -8.81 -9.87
O6 NAG G . -23.44 -6.86 -11.44
O7 NAG G . -19.96 -13.20 -8.64
C1 NAG G . -22.72 -10.96 -13.97
C2 NAG G . -21.97 -11.64 -15.11
C3 NAG G . -22.95 -12.35 -16.03
C4 NAG G . -23.87 -13.28 -15.26
C5 NAG G . -24.53 -12.53 -14.11
C6 NAG G . -25.34 -13.43 -13.20
C7 NAG G . -19.88 -10.45 -15.57
C8 NAG G . -19.21 -9.41 -16.42
N2 NAG G . -21.17 -10.67 -15.84
O3 NAG G . -22.21 -13.10 -16.99
O4 NAG G . -24.87 -13.80 -16.11
O5 NAG G . -23.53 -11.93 -13.29
O6 NAG G . -24.98 -13.21 -11.84
O7 NAG G . -19.29 -11.04 -14.68
C1 NAG H . -15.02 18.40 6.32
C2 NAG H . -14.19 19.66 6.57
C3 NAG H . -14.44 20.19 7.99
C4 NAG H . -15.91 20.14 8.42
C5 NAG H . -16.61 18.87 7.95
C6 NAG H . -18.11 18.92 8.09
C7 NAG H . -11.85 20.33 6.21
C8 NAG H . -10.44 19.86 6.08
N2 NAG H . -12.77 19.38 6.39
O3 NAG H . -13.98 21.53 8.07
O4 NAG H . -15.93 20.07 9.84
O5 NAG H . -16.35 18.66 6.56
O6 NAG H . -18.68 17.63 7.93
O7 NAG H . -12.14 21.52 6.15
C1 NAG H . -16.53 21.19 10.50
C2 NAG H . -15.70 21.42 11.76
C3 NAG H . -16.24 22.62 12.53
C4 NAG H . -16.34 23.84 11.62
C5 NAG H . -17.12 23.51 10.35
C6 NAG H . -17.12 24.62 9.35
C7 NAG H . -14.69 19.36 12.62
C8 NAG H . -14.86 18.19 13.53
N2 NAG H . -15.71 20.24 12.60
O3 NAG H . -15.36 22.89 13.61
O4 NAG H . -16.99 24.91 12.30
O5 NAG H . -16.53 22.37 9.71
O6 NAG H . -16.65 24.17 8.09
O7 NAG H . -13.70 19.51 11.92
#